data_2V7Z
#
_entry.id   2V7Z
#
_cell.length_a   179.851
_cell.length_b   94.792
_cell.length_c   78.234
_cell.angle_alpha   90.00
_cell.angle_beta   93.24
_cell.angle_gamma   90.00
#
_symmetry.space_group_name_H-M   'C 1 2 1'
#
loop_
_entity.id
_entity.type
_entity.pdbx_description
1 polymer 'HEAT SHOCK COGNATE 71 KDA PROTEIN'
2 non-polymer "ADENOSINE-5'-DIPHOSPHATE"
3 non-polymer 'PHOSPHATE ION'
4 water water
#
_entity_poly.entity_id   1
_entity_poly.type   'polypeptide(L)'
_entity_poly.pdbx_seq_one_letter_code
;MSKGPAVGIDLGTTYSCVGVFQHGKVEIIANDQGNRTTPSYVAFTDTERLIGDAAKNQVAMNPTNTVFDAKRLIGRRFDD
AVVQSDMKHWPFMVVNDAGRPKVQVEYKGETKSFYPEEVSSMVLTKMKEIAEAYLGKTVTNAVVTVPAYFNDSQRQAAKD
AGTIAGLNVLRIINEPTAAAIAYGLDKKVRAERNVLIFDLGGGTFDVSILTTEDGIFEVKSTAGDTHLGGEDFDNRMVNH
FIAEFKRKHKKDISENKRAVRRLRTACERAKRTLSSSTQASIEIDSLYEGIDFYTSITRARFEELNADLFRGTLDPVEKA
LRDAKLDKSQIHDIVLVGGSTRIPKIQKLLQDFFNGKELNKSINPDEAVAYGAAVQAAILSGDKSENVQDLLLLDVTPLS
LGIETAGGVMTVLIKRNTTIPTKQTQTFTTYSDNQPGVLIQVYEGERAMTKDNNLLGKFELTGIPPAPRGVPQIEVTFDI
DANGILNVSAVDKSTGKENKITITNDKGRLSKEDIERMVQEAEKYKAEDEKQRDKVSSKNSLE
;
_entity_poly.pdbx_strand_id   A,B
#
loop_
_chem_comp.id
_chem_comp.type
_chem_comp.name
_chem_comp.formula
ADP non-polymer ADENOSINE-5'-DIPHOSPHATE 'C10 H15 N5 O10 P2'
PO4 non-polymer 'PHOSPHATE ION' 'O4 P -3'
#
# COMPACT_ATOMS: atom_id res chain seq x y z
N SER A 2 -13.97 35.77 0.07
CA SER A 2 -12.75 34.93 0.09
C SER A 2 -12.86 33.78 1.08
N LYS A 3 -11.97 32.80 0.94
CA LYS A 3 -12.07 31.67 1.85
C LYS A 3 -10.74 31.00 2.19
N GLY A 4 -10.06 30.61 1.12
CA GLY A 4 -8.82 29.89 1.05
C GLY A 4 -8.40 28.55 1.78
N PRO A 5 -8.20 27.25 1.05
CA PRO A 5 -7.76 25.97 1.77
C PRO A 5 -6.42 26.28 2.48
N ALA A 6 -6.46 26.11 3.79
CA ALA A 6 -5.33 26.33 4.65
C ALA A 6 -4.96 25.01 5.31
N VAL A 7 -3.76 24.59 4.93
CA VAL A 7 -3.22 23.36 5.40
C VAL A 7 -2.24 23.51 6.57
N GLY A 8 -2.10 22.42 7.33
CA GLY A 8 -1.14 22.48 8.44
C GLY A 8 -0.03 21.50 8.09
N ILE A 9 1.21 21.92 8.05
CA ILE A 9 2.15 20.91 7.64
C ILE A 9 3.03 20.46 8.78
N ASP A 10 3.21 19.12 8.77
CA ASP A 10 4.17 18.57 9.72
C ASP A 10 5.44 18.26 8.93
N LEU A 11 6.32 19.27 8.99
CA LEU A 11 7.63 18.99 8.39
C LEU A 11 8.33 18.16 9.51
N GLY A 12 8.81 16.99 9.06
CA GLY A 12 9.53 16.07 9.90
C GLY A 12 11.04 16.24 9.80
N THR A 13 11.73 15.37 10.53
CA THR A 13 13.18 15.37 10.45
C THR A 13 13.48 14.43 9.28
N THR A 14 12.71 13.35 9.37
CA THR A 14 12.75 12.21 8.49
C THR A 14 11.57 12.23 7.57
N TYR A 15 10.36 12.18 8.09
CA TYR A 15 9.21 12.17 7.18
C TYR A 15 8.36 13.41 7.39
N SER A 16 7.61 13.84 6.40
CA SER A 16 6.75 14.97 6.69
C SER A 16 5.34 14.65 6.19
N CYS A 17 4.33 15.05 6.93
CA CYS A 17 3.00 14.69 6.49
C CYS A 17 2.19 15.97 6.40
N VAL A 18 1.28 16.08 5.43
CA VAL A 18 0.50 17.29 5.37
C VAL A 18 -0.96 17.02 5.58
N GLY A 19 -1.71 17.98 6.12
CA GLY A 19 -3.14 17.62 6.15
C GLY A 19 -4.08 18.78 6.28
N VAL A 20 -5.31 18.58 5.87
CA VAL A 20 -6.15 19.75 5.91
C VAL A 20 -7.46 19.46 6.60
N PHE A 21 -8.22 20.47 7.01
CA PHE A 21 -9.49 19.95 7.45
C PHE A 21 -10.62 20.70 6.78
N GLN A 22 -11.24 19.89 5.90
CA GLN A 22 -12.31 20.33 5.02
C GLN A 22 -13.58 19.94 5.81
N HIS A 23 -14.37 20.93 6.14
CA HIS A 23 -15.69 20.66 6.63
C HIS A 23 -15.86 19.35 7.41
N GLY A 24 -15.53 19.48 8.68
CA GLY A 24 -15.76 18.40 9.61
C GLY A 24 -14.58 17.56 9.90
N LYS A 25 -13.87 17.10 8.88
CA LYS A 25 -12.77 16.24 9.23
C LYS A 25 -11.45 16.77 8.76
N VAL A 26 -10.45 16.57 9.61
CA VAL A 26 -9.14 16.84 9.09
C VAL A 26 -8.72 15.52 8.37
N GLU A 27 -8.72 15.63 7.04
CA GLU A 27 -8.26 14.48 6.26
C GLU A 27 -6.76 14.74 6.03
N ILE A 28 -6.00 13.64 5.97
CA ILE A 28 -4.57 13.83 5.79
C ILE A 28 -4.18 13.50 4.34
N ILE A 29 -3.82 14.60 3.68
CA ILE A 29 -3.58 14.48 2.25
C ILE A 29 -2.65 13.30 1.95
N ALA A 30 -3.18 12.39 1.13
CA ALA A 30 -2.46 11.19 0.76
C ALA A 30 -1.33 11.54 -0.22
N ASN A 31 -0.50 10.56 -0.57
CA ASN A 31 0.66 10.78 -1.43
C ASN A 31 0.44 10.20 -2.81
N ASP A 32 1.25 10.67 -3.77
CA ASP A 32 1.20 10.17 -5.15
C ASP A 32 1.38 8.65 -5.12
N GLN A 33 2.56 8.17 -4.77
CA GLN A 33 2.69 6.75 -4.59
C GLN A 33 1.52 6.23 -3.69
N GLY A 34 1.00 7.06 -2.78
CA GLY A 34 -0.12 6.66 -1.93
C GLY A 34 0.38 6.34 -0.55
N ASN A 35 0.73 7.37 0.19
CA ASN A 35 1.22 7.24 1.55
C ASN A 35 0.69 8.47 2.27
N ARG A 36 0.63 8.44 3.61
CA ARG A 36 0.20 9.63 4.37
C ARG A 36 1.42 10.47 4.83
N THR A 37 2.52 10.33 4.11
CA THR A 37 3.83 10.83 4.54
C THR A 37 4.55 11.27 3.27
N THR A 38 5.76 11.73 3.56
CA THR A 38 6.80 11.70 2.60
C THR A 38 8.16 11.60 3.34
N PRO A 39 9.10 10.78 2.70
CA PRO A 39 10.34 10.89 3.47
C PRO A 39 11.06 12.21 3.02
N SER A 40 11.47 13.01 4.00
CA SER A 40 12.07 14.34 3.73
C SER A 40 13.44 14.21 3.10
N TYR A 41 13.43 13.95 1.79
CA TYR A 41 14.61 13.60 0.99
C TYR A 41 14.73 14.45 -0.29
N VAL A 42 15.92 15.00 -0.51
CA VAL A 42 16.13 15.82 -1.71
C VAL A 42 17.35 15.26 -2.45
N ALA A 43 17.15 14.89 -3.72
CA ALA A 43 18.24 14.30 -4.48
C ALA A 43 18.58 15.03 -5.78
N PHE A 44 19.89 15.12 -6.07
CA PHE A 44 20.37 15.73 -7.31
C PHE A 44 21.23 14.69 -8.07
N THR A 45 20.83 14.40 -9.32
CA THR A 45 21.56 13.46 -10.15
C THR A 45 22.11 14.14 -11.39
N ASP A 46 22.09 13.46 -12.53
CA ASP A 46 22.62 14.01 -13.76
C ASP A 46 21.55 14.76 -14.52
N THR A 47 20.34 14.20 -14.49
CA THR A 47 19.25 14.80 -15.21
C THR A 47 18.43 15.76 -14.35
N GLU A 48 17.73 15.21 -13.35
CA GLU A 48 16.74 15.97 -12.55
C GLU A 48 17.06 16.14 -11.06
N ARG A 49 16.22 16.92 -10.37
CA ARG A 49 16.31 16.97 -8.91
C ARG A 49 14.98 16.44 -8.29
N LEU A 50 15.07 15.24 -7.69
CA LEU A 50 13.89 14.55 -7.16
C LEU A 50 13.75 14.76 -5.65
N ILE A 51 12.59 15.31 -5.30
CA ILE A 51 12.27 15.47 -3.89
C ILE A 51 11.33 14.31 -3.50
N GLY A 52 11.06 14.16 -2.20
CA GLY A 52 10.19 13.11 -1.74
C GLY A 52 10.69 11.68 -1.82
N ASP A 53 9.77 10.77 -2.11
CA ASP A 53 10.06 9.34 -2.12
C ASP A 53 11.15 8.88 -3.11
N ALA A 54 10.95 9.24 -4.38
CA ALA A 54 11.82 8.78 -5.45
C ALA A 54 13.26 9.13 -5.16
N ALA A 55 13.46 10.19 -4.37
CA ALA A 55 14.80 10.53 -3.92
C ALA A 55 15.29 9.45 -2.95
N LYS A 56 14.51 9.18 -1.89
CA LYS A 56 14.94 8.24 -0.88
C LYS A 56 15.30 6.87 -1.47
N ASN A 57 14.61 6.49 -2.53
CA ASN A 57 14.79 5.20 -3.17
C ASN A 57 16.13 5.13 -3.91
N GLN A 58 16.64 6.27 -4.33
CA GLN A 58 17.87 6.36 -5.06
C GLN A 58 19.17 6.59 -4.26
N VAL A 59 19.08 6.95 -2.94
CA VAL A 59 20.20 7.09 -2.02
C VAL A 59 21.29 5.97 -2.05
N ALA A 60 21.15 4.76 -2.66
CA ALA A 60 22.33 3.80 -2.72
C ALA A 60 23.21 4.07 -3.94
N MET A 61 22.46 4.18 -5.05
CA MET A 61 22.82 4.53 -6.40
C MET A 61 22.99 6.04 -6.60
N ASN A 62 22.79 6.80 -5.53
CA ASN A 62 23.25 8.22 -5.59
C ASN A 62 23.69 8.67 -4.14
N PRO A 63 24.63 8.03 -3.54
CA PRO A 63 24.96 8.49 -2.17
C PRO A 63 25.44 9.93 -2.00
N THR A 64 26.51 10.28 -2.71
CA THR A 64 27.19 11.54 -2.49
C THR A 64 26.34 12.78 -2.81
N ASN A 65 25.29 12.64 -3.63
CA ASN A 65 24.47 13.78 -4.05
C ASN A 65 22.97 13.63 -3.78
N THR A 66 22.66 12.87 -2.72
CA THR A 66 21.28 12.80 -2.23
C THR A 66 21.22 13.39 -0.80
N VAL A 67 20.67 14.63 -0.71
CA VAL A 67 20.66 15.35 0.56
C VAL A 67 19.44 15.01 1.43
N PHE A 68 19.72 14.90 2.72
CA PHE A 68 18.73 14.45 3.71
C PHE A 68 19.18 14.75 5.13
N ASP A 69 18.25 14.61 6.07
CA ASP A 69 18.39 15.12 7.41
C ASP A 69 18.79 16.65 7.34
N ALA A 70 17.99 17.40 6.50
CA ALA A 70 18.05 18.91 6.20
C ALA A 70 17.65 19.74 7.43
N LYS A 71 16.61 19.19 8.10
CA LYS A 71 16.17 19.64 9.40
C LYS A 71 17.14 19.66 10.55
N ARG A 72 18.18 18.82 10.54
CA ARG A 72 19.23 18.89 11.54
C ARG A 72 20.13 20.11 11.34
N LEU A 73 20.26 20.62 10.13
CA LEU A 73 21.13 21.79 10.00
C LEU A 73 20.43 23.12 10.23
N ILE A 74 19.23 23.22 9.68
CA ILE A 74 18.46 24.44 9.76
C ILE A 74 18.48 25.03 11.17
N GLY A 75 18.75 26.34 11.20
CA GLY A 75 18.82 27.09 12.43
C GLY A 75 20.23 27.43 12.89
N ARG A 76 21.12 26.46 12.79
CA ARG A 76 22.50 26.61 13.28
C ARG A 76 23.42 27.18 12.22
N ARG A 77 24.47 27.85 12.69
CA ARG A 77 25.59 28.35 11.89
C ARG A 77 26.64 27.26 11.76
N PHE A 78 27.46 27.36 10.72
CA PHE A 78 28.49 26.36 10.49
C PHE A 78 29.40 26.05 11.71
N ASP A 79 29.85 27.08 12.43
CA ASP A 79 30.76 26.86 13.57
C ASP A 79 30.11 26.26 14.82
N ASP A 80 28.81 25.92 14.73
CA ASP A 80 28.10 25.31 15.85
C ASP A 80 28.60 23.89 16.11
N ALA A 81 28.47 23.45 17.35
CA ALA A 81 28.89 22.11 17.77
C ALA A 81 28.04 21.01 17.11
N VAL A 82 26.72 21.16 17.21
CA VAL A 82 25.81 20.15 16.72
C VAL A 82 26.03 19.84 15.23
N VAL A 83 26.57 20.82 14.49
CA VAL A 83 26.93 20.55 13.12
C VAL A 83 28.29 19.81 13.04
N GLN A 84 29.23 20.15 13.92
CA GLN A 84 30.55 19.54 13.85
C GLN A 84 30.50 18.02 14.06
N SER A 85 29.60 17.57 14.94
CA SER A 85 29.47 16.14 15.20
C SER A 85 28.87 15.37 14.01
N ASP A 86 27.74 15.85 13.50
CA ASP A 86 27.02 15.16 12.43
C ASP A 86 27.76 15.19 11.12
N MET A 87 28.59 16.21 10.94
CA MET A 87 29.45 16.37 9.77
C MET A 87 30.22 15.08 9.45
N LYS A 88 30.27 14.17 10.40
CA LYS A 88 30.99 12.93 10.22
C LYS A 88 30.02 11.76 9.98
N HIS A 89 28.82 12.05 9.45
CA HIS A 89 27.75 11.04 9.29
C HIS A 89 26.83 11.21 8.08
N TRP A 90 27.34 11.78 7.00
CA TRP A 90 26.50 12.04 5.83
C TRP A 90 27.20 11.83 4.50
N PRO A 91 26.57 11.11 3.57
CA PRO A 91 27.15 10.86 2.24
C PRO A 91 27.39 12.08 1.34
N PHE A 92 26.97 13.25 1.79
CA PHE A 92 27.10 14.45 0.96
C PHE A 92 28.07 15.44 1.60
N MET A 93 28.24 16.64 1.07
CA MET A 93 29.15 17.45 1.83
C MET A 93 28.52 18.75 2.39
N VAL A 94 28.60 18.91 3.70
CA VAL A 94 28.17 20.22 4.16
C VAL A 94 29.44 21.11 4.34
N VAL A 95 29.42 22.26 3.66
CA VAL A 95 30.53 23.22 3.72
C VAL A 95 30.09 24.54 4.37
N ASN A 96 31.04 25.48 4.49
CA ASN A 96 30.81 26.83 5.00
C ASN A 96 30.83 27.85 3.85
N ASP A 97 29.98 28.87 4.05
CA ASP A 97 29.98 30.09 3.19
C ASP A 97 29.84 31.24 4.17
N ALA A 98 30.99 31.86 4.45
CA ALA A 98 30.96 32.93 5.44
C ALA A 98 30.15 32.66 6.72
N GLY A 99 30.53 31.57 7.37
CA GLY A 99 29.92 31.35 8.70
C GLY A 99 28.63 30.57 8.66
N ARG A 100 27.97 30.66 7.50
CA ARG A 100 26.78 29.91 7.28
C ARG A 100 27.04 28.58 6.49
N PRO A 101 26.14 27.61 6.79
CA PRO A 101 26.49 26.42 6.05
C PRO A 101 25.60 26.17 4.83
N LYS A 102 26.04 25.29 3.95
CA LYS A 102 25.23 24.87 2.80
C LYS A 102 25.60 23.39 2.57
N VAL A 103 24.85 22.72 1.68
CA VAL A 103 25.22 21.41 1.25
C VAL A 103 25.75 21.48 -0.19
N GLN A 104 26.96 20.98 -0.38
CA GLN A 104 27.49 20.99 -1.74
C GLN A 104 27.22 19.61 -2.37
N VAL A 105 26.74 19.67 -3.61
CA VAL A 105 26.39 18.49 -4.39
C VAL A 105 26.53 18.76 -5.88
N GLU A 106 26.27 17.75 -6.71
CA GLU A 106 26.42 17.88 -8.17
C GLU A 106 25.09 17.72 -8.88
N TYR A 107 24.54 18.86 -9.34
CA TYR A 107 23.22 18.87 -9.97
C TYR A 107 23.32 19.15 -11.46
N LYS A 108 22.75 18.21 -12.22
CA LYS A 108 22.67 18.09 -13.67
C LYS A 108 24.04 18.41 -14.36
N GLY A 109 25.09 17.85 -13.73
CA GLY A 109 26.49 17.93 -14.23
C GLY A 109 27.37 19.03 -13.66
N GLU A 110 26.74 20.04 -13.08
CA GLU A 110 27.47 21.17 -12.47
C GLU A 110 27.68 20.93 -10.96
N THR A 111 28.36 21.87 -10.30
CA THR A 111 28.56 21.75 -8.85
C THR A 111 27.99 22.94 -8.09
N LYS A 112 26.82 22.71 -7.47
CA LYS A 112 26.14 23.73 -6.69
C LYS A 112 26.11 23.45 -5.19
N SER A 113 25.63 24.43 -4.44
CA SER A 113 25.65 24.39 -2.98
C SER A 113 24.33 24.88 -2.45
N PHE A 114 23.86 24.25 -1.37
CA PHE A 114 22.62 24.70 -0.80
C PHE A 114 22.51 24.80 0.74
N TYR A 115 21.96 25.98 1.01
CA TYR A 115 21.43 26.51 2.25
C TYR A 115 20.27 25.65 2.70
N PRO A 116 20.50 25.21 4.03
CA PRO A 116 19.47 24.37 4.66
C PRO A 116 18.01 24.81 4.40
N GLU A 117 17.66 25.97 4.82
CA GLU A 117 16.28 26.40 4.52
C GLU A 117 15.86 26.13 3.02
N GLU A 118 16.70 26.20 1.97
CA GLU A 118 16.09 25.66 0.77
C GLU A 118 16.20 24.21 0.51
N VAL A 119 17.14 23.47 1.12
CA VAL A 119 16.93 22.03 1.03
C VAL A 119 15.59 21.71 1.73
N SER A 120 15.37 22.27 2.91
CA SER A 120 14.10 22.03 3.61
C SER A 120 12.92 22.65 2.85
N SER A 121 13.15 23.77 2.16
CA SER A 121 12.07 24.32 1.32
C SER A 121 11.60 23.33 0.25
N MET A 122 12.57 22.70 -0.43
CA MET A 122 12.30 21.79 -1.53
C MET A 122 11.24 20.78 -1.17
N VAL A 123 11.35 20.23 0.04
CA VAL A 123 10.38 19.28 0.60
C VAL A 123 8.99 19.95 0.67
N LEU A 124 8.94 21.09 1.34
CA LEU A 124 7.72 21.89 1.42
C LEU A 124 7.10 22.08 0.03
N THR A 125 7.94 22.23 -0.98
CA THR A 125 7.44 22.47 -2.32
C THR A 125 6.66 21.25 -2.76
N LYS A 126 7.24 20.07 -2.55
CA LYS A 126 6.50 18.89 -2.93
C LYS A 126 5.30 18.73 -2.00
N MET A 127 5.55 18.86 -0.71
CA MET A 127 4.48 18.84 0.27
C MET A 127 3.42 19.82 -0.21
N LYS A 128 3.88 20.89 -0.86
CA LYS A 128 2.94 21.87 -1.39
C LYS A 128 2.09 21.24 -2.50
N GLU A 129 2.75 20.68 -3.51
CA GLU A 129 2.07 20.08 -4.64
C GLU A 129 1.04 19.05 -4.23
N ILE A 130 1.39 18.22 -3.24
CA ILE A 130 0.50 17.14 -2.76
C ILE A 130 -0.84 17.70 -2.30
N ALA A 131 -0.79 18.74 -1.48
CA ALA A 131 -2.01 19.40 -1.05
C ALA A 131 -2.84 19.82 -2.28
N GLU A 132 -2.16 20.34 -3.30
CA GLU A 132 -2.85 20.80 -4.50
C GLU A 132 -3.50 19.67 -5.29
N ALA A 133 -2.81 18.52 -5.32
CA ALA A 133 -3.24 17.34 -6.04
C ALA A 133 -4.62 16.83 -5.64
N TYR A 134 -4.85 16.63 -4.34
CA TYR A 134 -6.10 16.05 -3.84
C TYR A 134 -7.24 17.02 -3.63
N LEU A 135 -6.90 18.27 -3.29
CA LEU A 135 -7.89 19.31 -3.01
C LEU A 135 -8.49 19.89 -4.27
N GLY A 136 -7.65 19.96 -5.31
CA GLY A 136 -8.01 20.49 -6.62
C GLY A 136 -7.88 22.01 -6.77
N LYS A 137 -6.95 22.58 -6.03
CA LYS A 137 -6.77 24.01 -6.05
C LYS A 137 -5.46 24.44 -5.45
N THR A 138 -5.00 25.63 -5.83
CA THR A 138 -3.74 26.16 -5.32
C THR A 138 -3.83 26.48 -3.84
N VAL A 139 -2.92 25.90 -3.08
CA VAL A 139 -2.86 26.05 -1.62
C VAL A 139 -1.77 27.03 -1.20
N THR A 140 -2.16 28.12 -0.55
CA THR A 140 -1.19 29.14 -0.19
C THR A 140 -0.96 29.27 1.30
N ASN A 141 -1.97 28.84 2.08
CA ASN A 141 -1.83 29.00 3.51
C ASN A 141 -1.34 27.79 4.27
N ALA A 142 -0.27 27.97 5.05
CA ALA A 142 0.13 26.76 5.82
C ALA A 142 0.51 27.15 7.24
N VAL A 143 0.66 26.13 8.08
CA VAL A 143 1.02 26.25 9.49
C VAL A 143 2.10 25.13 9.69
N VAL A 144 3.30 25.47 10.14
CA VAL A 144 4.38 24.49 10.14
C VAL A 144 4.82 24.06 11.52
N THR A 145 5.29 22.82 11.65
CA THR A 145 5.76 22.42 12.95
C THR A 145 7.27 22.22 13.12
N VAL A 146 7.76 22.94 14.13
CA VAL A 146 9.13 22.86 14.61
C VAL A 146 9.04 22.33 16.05
N PRO A 147 10.05 21.57 16.49
CA PRO A 147 10.04 21.04 17.86
C PRO A 147 10.16 22.15 18.90
N ALA A 148 9.97 21.76 20.16
CA ALA A 148 9.94 22.70 21.26
C ALA A 148 11.25 23.42 21.52
N TYR A 149 12.35 22.72 21.28
CA TYR A 149 13.70 23.25 21.48
C TYR A 149 14.15 24.22 20.43
N PHE A 150 13.23 24.63 19.58
CA PHE A 150 13.60 25.53 18.52
C PHE A 150 13.66 26.96 18.98
N ASN A 151 14.78 27.58 18.68
CA ASN A 151 15.00 28.98 19.02
C ASN A 151 14.62 29.84 17.82
N ASP A 152 14.60 31.15 18.02
CA ASP A 152 14.19 32.09 16.97
C ASP A 152 14.96 31.84 15.69
N SER A 153 16.26 31.61 15.82
CA SER A 153 17.11 31.30 14.68
C SER A 153 16.49 30.16 13.83
N GLN A 154 16.16 29.01 14.45
CA GLN A 154 15.62 27.87 13.72
C GLN A 154 14.20 28.10 13.24
N ARG A 155 13.42 28.82 14.04
CA ARG A 155 12.06 29.17 13.64
C ARG A 155 12.11 30.08 12.41
N GLN A 156 12.83 31.19 12.52
CA GLN A 156 12.95 32.14 11.41
C GLN A 156 13.46 31.49 10.12
N ALA A 157 14.14 30.34 10.26
CA ALA A 157 14.57 29.59 9.08
C ALA A 157 13.41 28.69 8.57
N ALA A 158 12.85 27.86 9.48
CA ALA A 158 11.73 26.94 9.18
C ALA A 158 10.44 27.72 8.85
N LYS A 159 10.36 28.97 9.31
CA LYS A 159 9.34 29.88 8.78
C LYS A 159 9.74 30.19 7.33
N ASP A 160 11.04 30.39 7.09
CA ASP A 160 11.57 30.79 5.78
C ASP A 160 11.53 29.75 4.69
N ALA A 161 11.54 28.48 5.11
CA ALA A 161 11.34 27.38 4.18
C ALA A 161 9.95 27.48 3.53
N GLY A 162 8.97 27.97 4.30
CA GLY A 162 7.58 28.18 3.82
C GLY A 162 7.42 29.34 2.83
N THR A 163 7.88 30.52 3.25
CA THR A 163 7.98 31.67 2.37
C THR A 163 8.63 31.28 1.02
N ILE A 164 9.84 30.68 1.05
CA ILE A 164 10.58 30.32 -0.19
C ILE A 164 9.86 29.28 -1.01
N ALA A 165 9.22 28.34 -0.33
CA ALA A 165 8.38 27.33 -0.97
C ALA A 165 7.18 27.97 -1.70
N GLY A 166 6.92 29.23 -1.37
CA GLY A 166 5.83 30.01 -1.94
C GLY A 166 4.75 30.16 -0.90
N LEU A 167 4.85 29.33 0.12
CA LEU A 167 3.84 29.29 1.15
C LEU A 167 3.83 30.55 1.98
N ASN A 168 2.64 30.92 2.42
CA ASN A 168 2.43 32.12 3.24
C ASN A 168 2.03 31.59 4.58
N VAL A 169 2.99 31.75 5.44
CA VAL A 169 2.80 30.90 6.63
C VAL A 169 2.12 31.73 7.66
N LEU A 170 1.09 31.13 8.17
CA LEU A 170 0.30 31.94 9.05
C LEU A 170 1.07 32.15 10.34
N ARG A 171 1.07 31.12 11.17
CA ARG A 171 1.85 31.12 12.39
C ARG A 171 2.69 29.84 12.27
N ILE A 172 3.65 29.66 13.18
CA ILE A 172 4.52 28.47 13.18
C ILE A 172 4.59 27.86 14.59
N ILE A 173 3.96 26.69 14.79
CA ILE A 173 3.82 26.14 16.15
C ILE A 173 4.60 24.87 16.57
N ASN A 174 4.57 24.59 17.88
CA ASN A 174 5.33 23.51 18.53
C ASN A 174 4.63 22.16 18.34
N GLU A 175 5.43 21.13 18.09
CA GLU A 175 4.90 19.83 17.70
C GLU A 175 4.10 19.30 18.85
N PRO A 176 4.83 19.34 20.02
CA PRO A 176 4.02 18.81 21.08
C PRO A 176 2.67 19.48 21.17
N THR A 177 2.64 20.81 21.04
CA THR A 177 1.36 21.53 21.15
C THR A 177 0.33 20.98 20.16
N ALA A 178 0.69 20.98 18.87
CA ALA A 178 -0.18 20.44 17.85
C ALA A 178 -0.84 19.13 18.29
N ALA A 179 -0.06 18.21 18.84
CA ALA A 179 -0.52 16.89 19.26
C ALA A 179 -1.62 17.03 20.26
N ALA A 180 -1.36 17.83 21.28
CA ALA A 180 -2.34 18.09 22.31
C ALA A 180 -3.62 18.64 21.66
N ILE A 181 -3.47 19.52 20.67
CA ILE A 181 -4.59 20.10 19.96
C ILE A 181 -5.30 19.05 19.10
N ALA A 182 -4.53 18.12 18.56
CA ALA A 182 -5.12 17.03 17.79
C ALA A 182 -6.22 16.36 18.62
N TYR A 183 -5.88 15.97 19.83
CA TYR A 183 -6.79 15.28 20.73
C TYR A 183 -7.80 16.20 21.37
N GLY A 184 -7.64 17.50 21.10
CA GLY A 184 -8.50 18.54 21.66
C GLY A 184 -8.28 18.68 23.16
N LEU A 185 -7.07 18.36 23.61
CA LEU A 185 -6.77 18.38 25.02
C LEU A 185 -6.89 19.75 25.62
N ASP A 186 -7.08 20.73 24.76
CA ASP A 186 -7.25 22.12 25.17
C ASP A 186 -8.72 22.41 25.18
N LYS A 187 -9.40 21.72 24.26
CA LYS A 187 -10.88 21.77 24.37
C LYS A 187 -11.11 21.04 25.74
N LYS A 188 -11.25 21.89 26.77
CA LYS A 188 -11.00 21.19 28.05
C LYS A 188 -12.15 21.20 28.96
N VAL A 189 -11.99 20.60 30.15
CA VAL A 189 -13.19 20.74 30.92
C VAL A 189 -13.16 21.66 32.13
N ARG A 190 -12.45 22.74 31.93
CA ARG A 190 -12.49 23.81 32.92
C ARG A 190 -11.93 23.46 34.30
N ALA A 191 -10.85 22.72 34.17
CA ALA A 191 -9.93 22.49 35.31
C ALA A 191 -8.51 22.89 34.77
N GLU A 192 -7.44 22.55 35.45
CA GLU A 192 -6.14 22.82 34.84
C GLU A 192 -5.68 21.51 34.17
N ARG A 193 -4.81 21.66 33.16
CA ARG A 193 -4.35 20.54 32.41
C ARG A 193 -2.84 20.35 32.42
N ASN A 194 -2.48 19.13 32.79
CA ASN A 194 -1.09 18.68 32.66
C ASN A 194 -1.10 17.51 31.67
N VAL A 195 -0.44 17.72 30.53
CA VAL A 195 -0.37 16.74 29.44
C VAL A 195 1.07 16.33 29.14
N LEU A 196 1.25 15.11 28.62
CA LEU A 196 2.57 14.60 28.23
C LEU A 196 2.66 14.17 26.76
N ILE A 197 3.72 14.62 26.10
CA ILE A 197 3.96 14.24 24.73
C ILE A 197 5.19 13.38 24.70
N PHE A 198 4.97 12.24 24.04
CA PHE A 198 6.06 11.30 23.78
C PHE A 198 6.04 11.17 22.24
N ASP A 199 6.98 11.95 21.67
CA ASP A 199 7.28 11.68 20.27
C ASP A 199 8.47 10.71 20.47
N LEU A 200 8.40 9.71 19.56
CA LEU A 200 9.56 8.85 19.30
C LEU A 200 9.62 8.76 17.75
N GLY A 201 10.36 9.72 17.21
CA GLY A 201 10.39 9.85 15.75
C GLY A 201 11.03 8.71 15.02
N GLY A 202 11.72 9.11 13.95
CA GLY A 202 12.49 8.24 13.08
C GLY A 202 13.98 8.53 13.32
N GLY A 203 14.24 9.56 14.14
CA GLY A 203 15.58 9.94 14.48
C GLY A 203 15.65 10.65 15.81
N THR A 204 14.51 11.18 16.24
CA THR A 204 14.49 11.97 17.46
C THR A 204 13.47 11.59 18.54
N PHE A 205 14.00 11.51 19.75
CA PHE A 205 13.17 11.26 20.90
C PHE A 205 12.88 12.59 21.62
N ASP A 206 11.62 13.02 21.46
CA ASP A 206 11.17 14.24 22.09
C ASP A 206 10.09 13.97 23.14
N VAL A 207 10.36 14.49 24.33
CA VAL A 207 9.42 14.41 25.42
C VAL A 207 9.13 15.80 25.94
N SER A 208 7.84 16.05 26.19
CA SER A 208 7.42 17.34 26.64
C SER A 208 6.29 17.20 27.65
N ILE A 209 6.29 18.06 28.67
CA ILE A 209 5.17 18.09 29.61
C ILE A 209 4.74 19.53 29.62
N LEU A 210 3.49 19.61 29.13
CA LEU A 210 2.59 20.66 28.78
C LEU A 210 1.47 20.96 29.77
N THR A 211 1.42 22.24 30.12
CA THR A 211 0.37 22.73 30.99
C THR A 211 -0.61 23.61 30.23
N THR A 212 -1.84 23.10 30.18
CA THR A 212 -2.87 23.94 29.68
C THR A 212 -3.58 24.62 30.88
N GLU A 213 -3.31 25.95 30.87
CA GLU A 213 -4.01 26.84 31.81
C GLU A 213 -5.05 27.69 31.09
N ASP A 214 -6.20 26.98 31.07
CA ASP A 214 -7.47 27.33 30.49
C ASP A 214 -7.37 27.78 29.04
N GLY A 215 -7.44 26.78 28.20
CA GLY A 215 -7.44 27.10 26.79
C GLY A 215 -6.05 27.38 26.23
N ILE A 216 -5.15 27.87 27.09
CA ILE A 216 -3.82 28.20 26.63
C ILE A 216 -2.76 27.21 27.16
N PHE A 217 -1.79 26.92 26.29
CA PHE A 217 -0.69 26.03 26.59
C PHE A 217 0.47 26.83 27.18
N GLU A 218 1.25 26.13 27.97
CA GLU A 218 2.57 26.66 28.28
C GLU A 218 3.50 25.47 28.13
N VAL A 219 4.70 25.73 27.48
CA VAL A 219 5.68 24.69 27.31
C VAL A 219 6.64 24.64 28.51
N LYS A 220 6.33 23.63 29.31
CA LYS A 220 6.89 23.25 30.57
C LYS A 220 8.28 22.71 30.57
N SER A 221 8.46 21.42 30.24
CA SER A 221 9.87 20.96 30.19
C SER A 221 10.03 20.01 29.04
N THR A 222 11.15 20.19 28.31
CA THR A 222 11.38 19.28 27.22
C THR A 222 12.47 18.29 27.66
N ALA A 223 12.67 17.26 26.84
CA ALA A 223 13.77 16.31 27.05
C ALA A 223 13.92 15.20 25.98
N GLY A 224 15.05 14.45 26.02
CA GLY A 224 15.16 13.32 25.11
C GLY A 224 16.58 13.11 24.53
N ASP A 225 16.73 12.06 23.71
CA ASP A 225 17.98 11.76 23.01
C ASP A 225 17.81 12.17 21.54
N THR A 226 18.60 13.15 21.12
CA THR A 226 18.45 13.68 19.76
C THR A 226 19.05 12.77 18.71
N HIS A 227 19.57 11.63 19.15
CA HIS A 227 20.17 10.69 18.22
C HIS A 227 19.69 9.27 18.48
N LEU A 228 18.55 9.17 19.18
CA LEU A 228 17.87 7.89 19.39
C LEU A 228 16.56 7.96 18.59
N GLY A 229 16.22 6.87 17.92
CA GLY A 229 15.05 6.88 17.09
C GLY A 229 14.87 5.71 16.17
N GLY A 230 14.05 5.93 15.15
CA GLY A 230 13.62 4.88 14.25
C GLY A 230 14.74 4.18 13.57
N GLU A 231 15.62 4.98 12.97
CA GLU A 231 16.72 4.48 12.17
C GLU A 231 17.62 3.61 12.98
N ASP A 232 17.93 4.06 14.18
CA ASP A 232 18.69 3.25 15.13
C ASP A 232 18.10 1.83 15.27
N PHE A 233 16.77 1.74 15.34
CA PHE A 233 16.11 0.43 15.48
C PHE A 233 16.36 -0.44 14.29
N ASP A 234 16.32 0.17 13.11
CA ASP A 234 16.58 -0.51 11.86
C ASP A 234 18.03 -0.99 11.85
N ASN A 235 18.94 -0.13 12.32
CA ASN A 235 20.36 -0.44 12.38
C ASN A 235 20.62 -1.72 13.19
N ARG A 236 19.93 -1.90 14.30
CA ARG A 236 20.07 -3.13 15.09
C ARG A 236 19.63 -4.35 14.26
N MET A 237 18.52 -4.22 13.53
CA MET A 237 18.10 -5.29 12.62
C MET A 237 19.15 -5.47 11.53
N VAL A 238 19.42 -4.42 10.74
CA VAL A 238 20.43 -4.47 9.68
C VAL A 238 21.76 -5.04 10.15
N ASN A 239 22.13 -4.73 11.39
CA ASN A 239 23.36 -5.24 11.96
C ASN A 239 23.24 -6.73 12.28
N HIS A 240 22.02 -7.16 12.57
CA HIS A 240 21.84 -8.54 12.94
C HIS A 240 21.91 -9.48 11.75
N PHE A 241 21.11 -9.20 10.72
CA PHE A 241 21.03 -10.03 9.52
C PHE A 241 22.34 -10.00 8.77
N ILE A 242 23.04 -8.88 8.85
CA ILE A 242 24.36 -8.79 8.26
C ILE A 242 25.23 -9.93 8.81
N ALA A 243 25.03 -10.21 10.10
CA ALA A 243 25.73 -11.27 10.80
C ALA A 243 25.20 -12.68 10.44
N GLU A 244 23.88 -12.87 10.58
CA GLU A 244 23.23 -14.15 10.28
C GLU A 244 23.59 -14.61 8.90
N PHE A 245 23.46 -13.73 7.92
CA PHE A 245 23.85 -14.13 6.56
C PHE A 245 25.34 -14.39 6.51
N LYS A 246 26.14 -13.48 7.07
CA LYS A 246 27.59 -13.64 6.94
C LYS A 246 28.05 -15.01 7.42
N ARG A 247 27.42 -15.43 8.52
CA ARG A 247 27.62 -16.72 9.11
C ARG A 247 26.93 -17.88 8.39
N LYS A 248 25.89 -17.62 7.61
CA LYS A 248 25.16 -18.66 6.87
C LYS A 248 25.95 -19.09 5.66
N HIS A 249 26.61 -18.11 5.05
CA HIS A 249 27.38 -18.46 3.92
C HIS A 249 28.91 -18.54 4.08
N LYS A 250 29.33 -17.83 5.11
CA LYS A 250 30.64 -17.31 5.40
C LYS A 250 31.27 -16.39 4.38
N LYS A 251 30.39 -15.45 4.02
CA LYS A 251 30.80 -14.36 3.12
C LYS A 251 30.27 -13.05 3.69
N ASP A 252 31.18 -12.19 4.12
CA ASP A 252 30.77 -10.90 4.70
C ASP A 252 30.32 -9.87 3.64
N ILE A 253 29.20 -9.18 3.88
CA ILE A 253 28.72 -8.21 2.94
C ILE A 253 29.13 -6.75 3.31
N SER A 254 29.17 -6.47 4.62
CA SER A 254 29.34 -5.16 5.21
C SER A 254 29.71 -4.04 4.24
N GLU A 255 30.96 -4.00 3.77
CA GLU A 255 31.42 -2.92 2.92
C GLU A 255 30.91 -2.98 1.48
N ASN A 256 29.60 -3.23 1.36
CA ASN A 256 28.95 -3.16 0.07
C ASN A 256 27.74 -2.21 0.18
N LYS A 257 27.97 -0.93 -0.14
CA LYS A 257 27.03 0.16 0.02
C LYS A 257 25.62 -0.22 -0.44
N ARG A 258 25.50 -0.86 -1.62
CA ARG A 258 24.18 -1.22 -2.13
C ARG A 258 23.62 -2.48 -1.44
N ALA A 259 24.38 -3.58 -1.38
CA ALA A 259 23.91 -4.80 -0.70
C ALA A 259 23.35 -4.41 0.67
N VAL A 260 24.09 -3.54 1.36
CA VAL A 260 23.63 -2.98 2.62
C VAL A 260 22.20 -2.38 2.54
N ARG A 261 21.99 -1.43 1.64
CA ARG A 261 20.72 -0.73 1.55
C ARG A 261 19.54 -1.66 1.29
N ARG A 262 19.68 -2.60 0.36
CA ARG A 262 18.53 -3.47 0.04
C ARG A 262 18.00 -4.21 1.24
N LEU A 263 18.91 -4.68 2.08
CA LEU A 263 18.54 -5.32 3.33
C LEU A 263 17.85 -4.29 4.21
N ARG A 264 18.46 -3.10 4.27
CA ARG A 264 18.03 -1.99 5.12
C ARG A 264 16.55 -1.76 5.01
N THR A 265 16.16 -1.43 3.77
CA THR A 265 14.78 -1.13 3.45
C THR A 265 13.89 -2.34 3.74
N ALA A 266 14.48 -3.52 3.72
CA ALA A 266 13.78 -4.76 4.03
C ALA A 266 13.55 -4.89 5.54
N CYS A 267 14.50 -4.41 6.34
CA CYS A 267 14.39 -4.48 7.80
C CYS A 267 13.34 -3.51 8.27
N GLU A 268 13.31 -2.35 7.60
CA GLU A 268 12.33 -1.31 7.86
C GLU A 268 10.95 -1.90 7.66
N ARG A 269 10.71 -2.39 6.43
CA ARG A 269 9.44 -2.98 6.06
C ARG A 269 9.02 -4.00 7.10
N ALA A 270 9.92 -4.90 7.38
CA ALA A 270 9.76 -5.87 8.45
C ALA A 270 9.36 -5.25 9.80
N LYS A 271 10.08 -4.21 10.21
CA LYS A 271 9.84 -3.70 11.56
C LYS A 271 8.44 -3.17 11.71
N ARG A 272 7.99 -2.51 10.66
CA ARG A 272 6.67 -1.93 10.69
C ARG A 272 5.64 -3.04 10.88
N THR A 273 5.71 -4.09 10.08
CA THR A 273 4.63 -5.07 10.31
C THR A 273 4.75 -5.73 11.67
N LEU A 274 5.96 -5.78 12.20
CA LEU A 274 6.20 -6.31 13.55
C LEU A 274 5.31 -5.65 14.59
N SER A 275 4.97 -4.37 14.33
CA SER A 275 3.88 -3.80 15.13
C SER A 275 2.50 -4.47 14.99
N SER A 276 2.11 -5.11 13.91
CA SER A 276 0.86 -5.88 14.08
C SER A 276 1.09 -7.40 14.17
N SER A 277 1.91 -7.85 13.22
CA SER A 277 2.16 -9.29 13.07
C SER A 277 3.27 -9.70 14.02
N THR A 278 3.37 -10.98 14.32
CA THR A 278 4.45 -11.42 15.19
C THR A 278 5.62 -11.97 14.37
N GLN A 279 5.41 -11.97 13.07
CA GLN A 279 6.48 -12.46 12.22
C GLN A 279 6.64 -11.59 11.01
N ALA A 280 7.92 -11.26 10.76
CA ALA A 280 8.36 -10.50 9.57
C ALA A 280 8.97 -11.51 8.58
N SER A 281 9.06 -11.11 7.31
CA SER A 281 9.69 -11.96 6.31
C SER A 281 10.60 -11.13 5.38
N ILE A 282 11.93 -11.30 5.56
CA ILE A 282 12.91 -10.54 4.77
C ILE A 282 13.17 -11.32 3.46
N GLU A 283 12.76 -10.70 2.35
CA GLU A 283 12.81 -11.38 1.04
C GLU A 283 13.48 -10.51 -0.01
N ILE A 284 14.78 -10.76 -0.21
CA ILE A 284 15.58 -9.98 -1.14
C ILE A 284 16.25 -10.88 -2.16
N ASP A 285 15.94 -10.62 -3.40
CA ASP A 285 16.50 -11.44 -4.42
C ASP A 285 17.94 -11.06 -4.82
N SER A 286 18.76 -12.08 -5.04
CA SER A 286 20.09 -11.84 -5.56
C SER A 286 20.73 -10.58 -4.92
N LEU A 287 20.70 -10.68 -3.62
CA LEU A 287 21.32 -9.75 -2.69
C LEU A 287 22.82 -9.56 -2.97
N TYR A 288 23.60 -10.57 -2.76
CA TYR A 288 25.04 -10.29 -2.80
C TYR A 288 25.68 -11.55 -3.31
N GLU A 289 26.70 -11.39 -4.16
CA GLU A 289 27.32 -12.46 -4.93
C GLU A 289 26.26 -13.42 -5.52
N GLY A 290 25.18 -12.77 -5.96
CA GLY A 290 24.05 -13.42 -6.62
C GLY A 290 23.20 -14.31 -5.73
N ILE A 291 23.60 -14.43 -4.47
CA ILE A 291 22.88 -15.25 -3.51
C ILE A 291 21.60 -14.55 -3.11
N ASP A 292 20.56 -15.35 -2.92
CA ASP A 292 19.29 -14.87 -2.42
C ASP A 292 19.36 -14.88 -0.89
N PHE A 293 18.57 -14.01 -0.27
CA PHE A 293 18.37 -14.03 1.19
C PHE A 293 16.89 -14.29 1.45
N TYR A 294 16.61 -15.31 2.26
CA TYR A 294 15.24 -15.64 2.64
C TYR A 294 15.16 -16.14 4.09
N THR A 295 14.56 -15.30 4.93
CA THR A 295 14.49 -15.56 6.37
C THR A 295 13.32 -14.84 7.04
N SER A 296 13.21 -14.98 8.36
CA SER A 296 12.17 -14.29 9.11
C SER A 296 12.73 -13.70 10.40
N ILE A 297 11.93 -12.89 11.08
CA ILE A 297 12.33 -12.42 12.38
C ILE A 297 11.09 -12.36 13.29
N THR A 298 11.31 -12.72 14.55
CA THR A 298 10.18 -12.79 15.44
C THR A 298 10.04 -11.40 16.08
N ARG A 299 8.80 -11.10 16.49
CA ARG A 299 8.52 -9.87 17.23
C ARG A 299 9.28 -10.05 18.52
N ALA A 300 9.20 -11.27 19.06
CA ALA A 300 9.97 -11.63 20.22
C ALA A 300 11.45 -11.29 20.00
N ARG A 301 12.04 -11.87 18.97
CA ARG A 301 13.45 -11.68 18.67
C ARG A 301 13.73 -10.22 18.53
N PHE A 302 12.78 -9.51 17.93
CA PHE A 302 12.99 -8.10 17.70
C PHE A 302 13.16 -7.26 18.96
N GLU A 303 12.15 -7.29 19.82
CA GLU A 303 12.13 -6.53 21.07
C GLU A 303 13.39 -6.72 21.88
N GLU A 304 14.01 -7.87 21.69
CA GLU A 304 15.22 -8.22 22.41
C GLU A 304 16.46 -7.69 21.71
N LEU A 305 16.31 -7.35 20.44
CA LEU A 305 17.45 -6.79 19.76
C LEU A 305 17.66 -5.37 20.29
N ASN A 306 16.62 -4.57 20.33
CA ASN A 306 16.67 -3.20 20.81
C ASN A 306 16.40 -3.06 22.30
N ALA A 307 16.04 -4.19 22.92
CA ALA A 307 15.56 -4.16 24.29
C ALA A 307 16.30 -3.16 25.13
N ASP A 308 17.61 -3.06 24.96
CA ASP A 308 18.36 -2.12 25.78
C ASP A 308 17.90 -0.67 25.54
N LEU A 309 17.57 -0.36 24.30
CA LEU A 309 17.22 1.01 23.89
C LEU A 309 15.78 1.33 24.09
N PHE A 310 14.93 0.40 23.62
CA PHE A 310 13.48 0.46 23.86
C PHE A 310 13.20 0.80 25.34
N ARG A 311 13.71 -0.05 26.21
CA ARG A 311 13.54 0.08 27.63
C ARG A 311 14.00 1.47 28.14
N GLY A 312 15.22 1.87 27.81
CA GLY A 312 15.81 3.11 28.30
C GLY A 312 15.07 4.43 28.16
N THR A 313 14.17 4.53 27.19
CA THR A 313 13.40 5.75 26.96
C THR A 313 12.60 6.20 28.17
N LEU A 314 12.10 5.25 28.94
CA LEU A 314 11.35 5.58 30.14
C LEU A 314 12.06 6.59 31.03
N ASP A 315 13.38 6.66 30.87
CA ASP A 315 14.27 7.52 31.67
C ASP A 315 13.94 9.00 31.57
N PRO A 316 13.95 9.57 30.35
CA PRO A 316 13.61 10.99 30.25
C PRO A 316 12.22 11.31 30.79
N VAL A 317 11.28 10.36 30.69
CA VAL A 317 9.91 10.57 31.23
C VAL A 317 10.05 11.08 32.66
N GLU A 318 10.68 10.28 33.49
CA GLU A 318 11.03 10.75 34.81
C GLU A 318 11.77 12.11 34.71
N LYS A 319 12.88 12.17 33.94
CA LYS A 319 13.74 13.34 33.93
C LYS A 319 12.98 14.64 33.64
N ALA A 320 12.09 14.65 32.64
CA ALA A 320 11.26 15.83 32.44
C ALA A 320 10.41 16.02 33.69
N LEU A 321 9.62 15.00 34.05
CA LEU A 321 8.75 15.03 35.24
C LEU A 321 9.44 15.64 36.47
N ARG A 322 10.76 15.48 36.56
CA ARG A 322 11.54 16.12 37.62
C ARG A 322 11.54 17.63 37.35
N ASP A 323 12.19 18.06 36.27
CA ASP A 323 12.27 19.48 35.93
C ASP A 323 10.87 20.12 35.93
N ALA A 324 9.88 19.33 35.54
CA ALA A 324 8.48 19.75 35.46
C ALA A 324 7.88 19.96 36.82
N LYS A 325 8.55 19.41 37.82
CA LYS A 325 8.11 19.45 39.19
C LYS A 325 6.68 18.89 39.31
N LEU A 326 6.54 17.67 38.78
CA LEU A 326 5.30 16.92 38.85
C LEU A 326 5.55 15.42 38.96
N ASP A 327 4.66 14.74 39.69
CA ASP A 327 4.69 13.28 39.84
C ASP A 327 3.95 12.58 38.68
N LYS A 328 4.23 11.30 38.48
CA LYS A 328 3.66 10.51 37.39
C LYS A 328 2.16 10.64 37.24
N SER A 329 1.51 10.66 38.39
CA SER A 329 0.06 10.79 38.53
C SER A 329 -0.51 12.10 38.00
N GLN A 330 0.15 13.21 38.31
CA GLN A 330 -0.30 14.56 37.94
C GLN A 330 -0.63 14.76 36.45
N ILE A 331 -0.12 13.88 35.59
CA ILE A 331 -0.39 14.02 34.16
C ILE A 331 -1.80 13.52 33.89
N HIS A 332 -2.58 14.35 33.19
CA HIS A 332 -3.94 13.98 32.84
C HIS A 332 -4.01 13.43 31.42
N ASP A 333 -2.97 13.65 30.62
CA ASP A 333 -2.93 13.05 29.29
C ASP A 333 -1.54 12.58 28.82
N ILE A 334 -1.50 11.35 28.28
CA ILE A 334 -0.27 10.79 27.70
C ILE A 334 -0.46 10.71 26.18
N VAL A 335 0.20 11.59 25.45
CA VAL A 335 -0.02 11.59 24.04
C VAL A 335 1.14 10.98 23.26
N LEU A 336 0.81 9.81 22.66
CA LEU A 336 1.71 9.21 21.75
C LEU A 336 1.80 9.82 20.35
N VAL A 337 2.75 10.76 20.31
CA VAL A 337 3.20 11.33 19.03
C VAL A 337 4.56 10.70 18.67
N GLY A 338 4.81 10.62 17.37
CA GLY A 338 5.95 9.95 16.75
C GLY A 338 5.58 8.58 16.17
N GLY A 339 5.89 8.41 14.86
CA GLY A 339 5.66 7.18 14.12
C GLY A 339 6.02 5.94 14.93
N SER A 340 7.21 5.96 15.56
CA SER A 340 7.76 4.78 16.23
C SER A 340 6.90 4.26 17.36
N THR A 341 6.03 5.12 17.87
CA THR A 341 5.14 4.74 18.98
C THR A 341 4.14 3.65 18.58
N ARG A 342 4.31 3.08 17.39
CA ARG A 342 3.43 1.99 16.95
C ARG A 342 3.98 0.69 17.49
N ILE A 343 5.29 0.65 17.78
CA ILE A 343 5.93 -0.53 18.39
C ILE A 343 5.25 -0.75 19.72
N PRO A 344 4.59 -1.90 19.88
CA PRO A 344 3.87 -2.23 21.11
C PRO A 344 4.77 -2.37 22.32
N LYS A 345 6.05 -2.66 22.07
CA LYS A 345 7.01 -2.80 23.18
C LYS A 345 7.24 -1.44 23.82
N ILE A 346 7.46 -0.43 23.00
CA ILE A 346 7.54 0.93 23.50
C ILE A 346 6.22 1.30 24.19
N GLN A 347 5.10 0.81 23.66
CA GLN A 347 3.82 1.23 24.19
C GLN A 347 3.58 0.76 25.60
N LYS A 348 3.68 -0.53 25.84
CA LYS A 348 3.46 -1.07 27.18
C LYS A 348 4.49 -0.50 28.18
N LEU A 349 5.75 -0.47 27.78
CA LEU A 349 6.80 0.13 28.62
C LEU A 349 6.26 1.44 29.17
N LEU A 350 5.77 2.34 28.31
CA LEU A 350 5.25 3.61 28.78
C LEU A 350 3.95 3.46 29.55
N GLN A 351 3.08 2.55 29.12
CA GLN A 351 1.79 2.39 29.77
C GLN A 351 1.99 1.82 31.15
N ASP A 352 2.99 0.96 31.27
CA ASP A 352 3.33 0.43 32.56
C ASP A 352 3.94 1.55 33.41
N PHE A 353 4.75 2.40 32.77
CA PHE A 353 5.44 3.47 33.49
C PHE A 353 4.51 4.44 34.20
N PHE A 354 3.36 4.73 33.59
CA PHE A 354 2.36 5.60 34.20
C PHE A 354 1.31 4.72 34.92
N ASN A 355 1.73 3.49 35.13
CA ASN A 355 0.96 2.52 35.86
C ASN A 355 -0.47 2.41 35.33
N GLY A 356 -0.55 1.59 34.28
CA GLY A 356 -1.83 1.19 33.75
C GLY A 356 -2.64 2.23 33.02
N LYS A 357 -2.30 3.49 33.20
CA LYS A 357 -3.10 4.54 32.57
C LYS A 357 -3.26 4.32 31.08
N GLU A 358 -4.43 4.67 30.55
CA GLU A 358 -4.70 4.48 29.13
C GLU A 358 -3.93 5.51 28.33
N LEU A 359 -3.41 5.09 27.17
CA LEU A 359 -2.64 6.00 26.33
C LEU A 359 -3.44 6.59 25.18
N ASN A 360 -3.29 7.90 25.01
CA ASN A 360 -3.83 8.65 23.87
C ASN A 360 -3.04 8.22 22.60
N LYS A 361 -3.58 7.24 21.86
CA LYS A 361 -2.88 6.67 20.72
C LYS A 361 -3.82 6.35 19.55
N SER A 362 -5.02 6.95 19.55
CA SER A 362 -6.01 6.65 18.50
C SER A 362 -5.63 7.18 17.12
N ILE A 363 -4.97 8.33 17.08
CA ILE A 363 -4.52 8.82 15.80
C ILE A 363 -3.07 8.41 15.51
N ASN A 364 -2.91 7.89 14.29
CA ASN A 364 -1.64 7.42 13.73
C ASN A 364 -0.48 8.36 14.05
N PRO A 365 0.30 7.97 15.07
CA PRO A 365 1.48 8.61 15.64
C PRO A 365 2.49 9.22 14.70
N ASP A 366 2.29 9.06 13.39
CA ASP A 366 3.15 9.74 12.43
C ASP A 366 2.40 10.94 11.79
N GLU A 367 1.07 10.95 11.97
CA GLU A 367 0.23 11.99 11.41
C GLU A 367 0.01 13.01 12.50
N ALA A 368 -0.58 12.56 13.60
CA ALA A 368 -0.91 13.38 14.74
C ALA A 368 -0.35 14.80 14.75
N VAL A 369 0.96 14.97 14.64
CA VAL A 369 1.51 16.31 14.71
C VAL A 369 1.03 17.17 13.54
N ALA A 370 0.59 16.51 12.48
CA ALA A 370 0.07 17.16 11.30
C ALA A 370 -1.37 17.54 11.49
N TYR A 371 -2.12 16.60 12.05
CA TYR A 371 -3.56 16.75 12.27
C TYR A 371 -3.90 18.13 12.81
N GLY A 372 -3.28 18.49 13.95
CA GLY A 372 -3.52 19.76 14.62
C GLY A 372 -2.98 20.91 13.80
N ALA A 373 -1.80 20.67 13.23
CA ALA A 373 -1.17 21.65 12.35
C ALA A 373 -2.26 22.19 11.40
N ALA A 374 -3.04 21.28 10.83
CA ALA A 374 -4.16 21.61 9.97
C ALA A 374 -5.30 22.22 10.77
N VAL A 375 -5.55 21.69 11.96
CA VAL A 375 -6.62 22.25 12.72
C VAL A 375 -6.28 23.69 13.07
N GLN A 376 -5.15 23.92 13.73
CA GLN A 376 -4.75 25.25 14.17
C GLN A 376 -4.80 26.23 13.03
N ALA A 377 -4.84 25.66 11.82
CA ALA A 377 -4.90 26.42 10.58
C ALA A 377 -6.27 27.05 10.33
N ALA A 378 -7.33 26.22 10.34
CA ALA A 378 -8.73 26.69 10.18
C ALA A 378 -9.08 27.92 11.05
N ILE A 379 -8.77 27.83 12.34
CA ILE A 379 -8.91 28.94 13.26
C ILE A 379 -8.24 30.19 12.67
N LEU A 380 -6.99 30.01 12.28
CA LEU A 380 -6.20 31.08 11.67
C LEU A 380 -6.67 31.37 10.24
N SER A 381 -7.35 30.41 9.62
CA SER A 381 -7.90 30.59 8.28
C SER A 381 -9.06 31.59 8.28
N GLY A 382 -8.98 32.52 7.34
CA GLY A 382 -10.01 33.48 7.16
C GLY A 382 -11.05 33.52 6.09
N ASP A 383 -10.45 35.46 5.15
N SER B 2 12.64 -36.38 -1.12
CA SER B 2 11.75 -36.82 -2.18
C SER B 2 10.27 -36.70 -2.04
N LYS B 3 9.79 -35.87 -2.94
CA LYS B 3 8.40 -35.50 -2.73
C LYS B 3 7.77 -35.04 -4.02
N GLY B 4 6.69 -34.27 -3.97
CA GLY B 4 6.01 -33.99 -5.20
C GLY B 4 5.25 -32.73 -5.45
N PRO B 5 4.07 -33.02 -6.17
CA PRO B 5 3.40 -31.79 -6.44
C PRO B 5 3.14 -30.63 -5.51
N ALA B 6 3.89 -29.67 -6.05
CA ALA B 6 3.77 -28.22 -6.05
C ALA B 6 2.88 -27.82 -7.32
N VAL B 7 1.77 -27.21 -6.95
CA VAL B 7 0.89 -26.57 -7.89
C VAL B 7 1.06 -25.06 -7.73
N GLY B 8 0.75 -24.30 -8.79
CA GLY B 8 0.77 -22.84 -8.73
C GLY B 8 -0.69 -22.38 -8.70
N ILE B 9 -1.03 -21.30 -7.99
CA ILE B 9 -2.41 -20.91 -7.90
C ILE B 9 -2.62 -19.42 -8.03
N ASP B 10 -3.55 -19.03 -8.90
CA ASP B 10 -3.93 -17.62 -9.06
C ASP B 10 -5.26 -17.48 -8.30
N LEU B 11 -5.25 -16.60 -7.30
CA LEU B 11 -6.44 -16.36 -6.47
C LEU B 11 -7.22 -15.18 -7.08
N GLY B 12 -8.54 -15.22 -6.89
CA GLY B 12 -9.39 -14.29 -7.59
C GLY B 12 -10.12 -13.19 -6.86
N THR B 13 -9.96 -11.99 -7.39
CA THR B 13 -10.80 -10.90 -6.94
C THR B 13 -12.12 -11.40 -7.49
N THR B 14 -12.00 -12.20 -8.56
CA THR B 14 -13.11 -12.72 -9.32
C THR B 14 -13.04 -14.23 -9.49
N TYR B 15 -12.18 -14.69 -10.41
CA TYR B 15 -12.01 -16.11 -10.67
C TYR B 15 -10.60 -16.49 -10.26
N SER B 16 -10.46 -17.70 -9.74
CA SER B 16 -9.16 -18.20 -9.36
C SER B 16 -8.82 -19.37 -10.26
N CYS B 17 -7.54 -19.58 -10.55
CA CYS B 17 -7.19 -20.75 -11.34
C CYS B 17 -5.84 -21.35 -10.98
N VAL B 18 -5.77 -22.68 -11.04
CA VAL B 18 -4.58 -23.42 -10.63
C VAL B 18 -4.03 -24.26 -11.72
N GLY B 19 -2.71 -24.21 -11.87
CA GLY B 19 -1.99 -24.96 -12.90
C GLY B 19 -0.80 -25.71 -12.33
N VAL B 20 -0.25 -26.63 -13.12
CA VAL B 20 0.86 -27.48 -12.70
C VAL B 20 1.86 -27.79 -13.81
N PHE B 21 3.13 -27.85 -13.42
CA PHE B 21 4.15 -28.09 -14.41
C PHE B 21 4.65 -29.47 -14.33
N GLN B 22 4.10 -30.09 -15.29
CA GLN B 22 4.61 -31.44 -15.28
C GLN B 22 5.22 -31.82 -16.65
N HIS B 23 6.25 -32.61 -16.61
CA HIS B 23 6.93 -33.32 -17.64
C HIS B 23 7.22 -32.60 -18.91
N GLY B 24 7.29 -31.26 -18.79
CA GLY B 24 7.56 -30.45 -20.00
C GLY B 24 6.88 -29.12 -19.93
N LYS B 25 5.62 -29.66 -19.88
CA LYS B 25 4.47 -28.91 -20.10
C LYS B 25 3.86 -28.38 -18.84
N VAL B 26 3.16 -27.26 -19.02
CA VAL B 26 2.35 -26.65 -17.96
C VAL B 26 0.87 -26.88 -18.34
N GLU B 27 0.09 -27.30 -17.36
CA GLU B 27 -1.29 -27.49 -17.63
C GLU B 27 -2.11 -26.81 -16.54
N ILE B 28 -3.01 -25.98 -17.04
CA ILE B 28 -3.97 -25.35 -16.13
C ILE B 28 -5.09 -26.40 -16.03
N ILE B 29 -5.20 -26.89 -14.77
CA ILE B 29 -6.11 -27.98 -14.35
C ILE B 29 -7.55 -27.53 -14.53
N ALA B 30 -8.30 -28.30 -15.31
CA ALA B 30 -9.71 -27.99 -15.52
C ALA B 30 -10.46 -28.36 -14.26
N ASN B 31 -11.64 -27.78 -14.05
CA ASN B 31 -12.44 -28.12 -12.88
C ASN B 31 -13.40 -29.25 -13.24
N ASP B 32 -13.92 -29.96 -12.22
CA ASP B 32 -14.71 -31.19 -12.44
C ASP B 32 -15.96 -31.08 -13.33
N GLN B 33 -16.17 -29.87 -13.87
CA GLN B 33 -17.30 -29.59 -14.73
C GLN B 33 -17.00 -28.81 -16.01
N GLY B 34 -15.71 -28.60 -16.22
CA GLY B 34 -15.28 -28.04 -17.49
C GLY B 34 -14.97 -26.59 -17.66
N ASN B 35 -14.50 -25.90 -16.63
CA ASN B 35 -14.10 -24.48 -16.85
C ASN B 35 -12.63 -24.43 -16.36
N ARG B 36 -11.71 -23.82 -17.11
CA ARG B 36 -10.33 -23.94 -16.61
C ARG B 36 -10.08 -23.00 -15.41
N THR B 37 -11.12 -22.30 -15.02
CA THR B 37 -11.09 -21.30 -13.98
C THR B 37 -11.87 -21.85 -12.80
N THR B 38 -12.43 -20.92 -12.03
CA THR B 38 -13.33 -21.18 -10.90
C THR B 38 -13.74 -19.81 -10.37
N PRO B 39 -15.05 -19.54 -10.28
CA PRO B 39 -15.38 -18.22 -9.78
C PRO B 39 -15.19 -18.25 -8.28
N SER B 40 -14.38 -17.34 -7.76
CA SER B 40 -14.09 -17.30 -6.33
C SER B 40 -15.35 -16.94 -5.55
N TYR B 41 -16.19 -17.95 -5.39
CA TYR B 41 -17.47 -17.79 -4.71
C TYR B 41 -17.62 -18.80 -3.58
N VAL B 42 -18.05 -18.29 -2.42
CA VAL B 42 -18.33 -19.17 -1.29
C VAL B 42 -19.75 -18.86 -0.83
N ALA B 43 -20.56 -19.92 -0.70
CA ALA B 43 -21.96 -19.77 -0.32
C ALA B 43 -22.37 -20.76 0.77
N PHE B 44 -23.17 -20.26 1.73
CA PHE B 44 -23.68 -21.06 2.85
C PHE B 44 -25.21 -21.05 2.85
N THR B 45 -25.82 -22.22 2.67
CA THR B 45 -27.27 -22.30 2.58
C THR B 45 -27.87 -23.03 3.78
N ASP B 46 -28.71 -24.02 3.54
CA ASP B 46 -29.31 -24.74 4.64
C ASP B 46 -28.69 -26.11 4.86
N THR B 47 -28.61 -26.92 3.81
CA THR B 47 -28.08 -28.25 3.95
C THR B 47 -26.55 -28.28 3.90
N GLU B 48 -25.98 -27.66 2.86
CA GLU B 48 -24.53 -27.72 2.64
C GLU B 48 -23.88 -26.35 2.44
N ARG B 49 -22.56 -26.35 2.31
CA ARG B 49 -21.82 -25.16 1.92
C ARG B 49 -21.11 -25.41 0.56
N LEU B 50 -21.29 -24.51 -0.42
CA LEU B 50 -20.72 -24.73 -1.75
C LEU B 50 -19.69 -23.66 -2.15
N ILE B 51 -18.45 -24.12 -2.30
CA ILE B 51 -17.35 -23.26 -2.70
C ILE B 51 -17.04 -23.50 -4.17
N GLY B 52 -17.30 -22.46 -4.97
CA GLY B 52 -17.00 -22.56 -6.38
C GLY B 52 -18.06 -22.16 -7.38
N ASP B 53 -18.37 -23.07 -8.28
CA ASP B 53 -19.31 -22.79 -9.35
C ASP B 53 -20.76 -22.77 -8.91
N ALA B 54 -21.24 -23.91 -8.42
CA ALA B 54 -22.62 -24.11 -7.99
C ALA B 54 -23.06 -23.03 -7.02
N ALA B 55 -22.07 -22.32 -6.47
CA ALA B 55 -22.31 -21.21 -5.56
C ALA B 55 -22.70 -19.95 -6.34
N LYS B 56 -21.94 -19.61 -7.37
CA LYS B 56 -22.29 -18.44 -8.14
C LYS B 56 -23.69 -18.57 -8.75
N ASN B 57 -24.01 -19.75 -9.26
CA ASN B 57 -25.26 -19.99 -9.97
C ASN B 57 -26.53 -19.76 -9.18
N GLN B 58 -26.45 -19.93 -7.87
CA GLN B 58 -27.57 -19.76 -6.97
C GLN B 58 -27.64 -18.38 -6.39
N VAL B 59 -26.58 -17.59 -6.59
CA VAL B 59 -26.48 -16.23 -6.05
C VAL B 59 -27.75 -15.40 -6.33
N ALA B 60 -28.65 -16.01 -7.09
CA ALA B 60 -29.98 -15.47 -7.26
C ALA B 60 -30.78 -15.90 -6.02
N MET B 61 -31.04 -17.22 -5.94
CA MET B 61 -31.87 -17.83 -4.89
C MET B 61 -31.43 -17.49 -3.47
N ASN B 62 -30.14 -17.60 -3.21
CA ASN B 62 -29.61 -17.27 -1.86
C ASN B 62 -28.51 -16.21 -1.97
N PRO B 63 -28.93 -14.94 -2.08
CA PRO B 63 -27.99 -13.83 -2.23
C PRO B 63 -27.45 -13.24 -0.94
N THR B 64 -28.11 -13.56 0.17
CA THR B 64 -27.76 -12.99 1.45
C THR B 64 -26.65 -13.76 2.14
N ASN B 65 -26.49 -15.03 1.76
CA ASN B 65 -25.47 -15.89 2.36
C ASN B 65 -24.42 -16.41 1.36
N THR B 66 -24.34 -15.73 0.22
CA THR B 66 -23.32 -16.05 -0.77
C THR B 66 -22.24 -14.95 -0.79
N VAL B 67 -21.08 -15.26 -0.18
CA VAL B 67 -20.03 -14.27 0.00
C VAL B 67 -19.09 -14.17 -1.19
N PHE B 68 -18.81 -12.93 -1.57
CA PHE B 68 -17.90 -12.68 -2.68
C PHE B 68 -17.05 -11.44 -2.54
N ASP B 69 -15.94 -11.43 -3.26
CA ASP B 69 -14.88 -10.42 -3.16
C ASP B 69 -14.16 -10.50 -1.82
N ALA B 70 -14.03 -11.73 -1.31
CA ALA B 70 -13.27 -11.92 -0.05
C ALA B 70 -11.89 -11.20 -0.17
N LYS B 71 -11.36 -11.30 -1.38
CA LYS B 71 -10.14 -10.59 -1.70
C LYS B 71 -10.06 -9.09 -1.53
N ARG B 72 -11.18 -8.36 -1.68
CA ARG B 72 -11.39 -6.95 -1.37
C ARG B 72 -11.20 -6.65 0.15
N LEU B 73 -11.33 -7.61 1.05
CA LEU B 73 -11.15 -7.35 2.47
C LEU B 73 -9.84 -7.83 3.05
N ILE B 74 -9.28 -8.86 2.44
CA ILE B 74 -8.09 -9.54 2.94
C ILE B 74 -6.92 -8.58 3.22
N GLY B 75 -6.32 -8.77 4.39
CA GLY B 75 -5.24 -7.92 4.89
C GLY B 75 -5.74 -6.69 5.65
N ARG B 76 -6.51 -5.84 4.97
CA ARG B 76 -7.07 -4.61 5.54
C ARG B 76 -7.99 -4.89 6.73
N ARG B 77 -8.10 -3.92 7.62
CA ARG B 77 -8.95 -4.00 8.83
C ARG B 77 -10.20 -3.14 8.70
N PHE B 78 -11.29 -3.64 9.27
CA PHE B 78 -12.63 -3.05 9.19
C PHE B 78 -12.66 -1.57 8.82
N ASP B 79 -12.31 -0.72 9.79
CA ASP B 79 -12.45 0.69 9.63
C ASP B 79 -11.44 1.31 8.64
N ASP B 80 -10.83 0.48 7.78
CA ASP B 80 -9.99 1.01 6.68
C ASP B 80 -10.95 1.53 5.59
N ALA B 81 -10.59 2.68 5.01
CA ALA B 81 -11.45 3.35 4.02
C ALA B 81 -11.73 2.50 2.80
N VAL B 82 -10.68 1.84 2.28
CA VAL B 82 -10.80 0.98 1.12
C VAL B 82 -11.81 -0.13 1.36
N VAL B 83 -12.14 -0.35 2.63
CA VAL B 83 -13.24 -1.24 2.94
C VAL B 83 -14.56 -0.45 2.90
N GLN B 84 -14.58 0.66 3.65
CA GLN B 84 -15.88 1.35 3.81
C GLN B 84 -16.60 1.51 2.47
N SER B 85 -15.85 1.89 1.46
CA SER B 85 -16.57 2.00 0.18
C SER B 85 -17.00 0.63 -0.34
N ASP B 86 -16.06 -0.30 -0.29
CA ASP B 86 -16.26 -1.61 -0.86
C ASP B 86 -17.40 -2.37 -0.24
N MET B 87 -17.70 -1.93 0.98
CA MET B 87 -18.68 -2.50 1.89
C MET B 87 -20.04 -1.94 1.46
N LYS B 88 -20.28 -0.60 1.31
CA LYS B 88 -21.57 -0.73 0.90
C LYS B 88 -22.01 -0.93 -0.53
N HIS B 89 -21.03 -1.56 -1.19
CA HIS B 89 -21.61 -2.24 -2.34
C HIS B 89 -22.22 -3.73 -2.11
N TRP B 90 -22.09 -4.57 -1.04
CA TRP B 90 -22.41 -6.06 -1.14
C TRP B 90 -23.73 -6.71 -0.55
N PRO B 91 -24.34 -7.86 -1.07
CA PRO B 91 -25.61 -8.37 -0.41
C PRO B 91 -25.41 -9.21 0.83
N PHE B 92 -24.48 -8.79 1.69
CA PHE B 92 -24.21 -9.50 2.93
C PHE B 92 -23.80 -8.59 4.06
N MET B 93 -23.81 -9.09 5.30
CA MET B 93 -23.45 -8.17 6.38
C MET B 93 -22.05 -8.44 6.95
N VAL B 94 -21.18 -7.41 6.94
CA VAL B 94 -19.83 -7.58 7.48
C VAL B 94 -19.75 -6.91 8.86
N VAL B 95 -19.21 -7.64 9.83
CA VAL B 95 -19.32 -7.08 11.16
C VAL B 95 -17.95 -6.87 11.77
N ASN B 96 -17.82 -6.21 12.92
CA ASN B 96 -16.47 -6.13 13.44
C ASN B 96 -16.24 -7.05 14.64
N ASP B 97 -15.04 -7.66 14.61
CA ASP B 97 -14.48 -8.42 15.70
C ASP B 97 -13.16 -7.80 16.19
N ALA B 98 -13.29 -7.04 17.27
CA ALA B 98 -12.10 -6.51 17.96
C ALA B 98 -11.04 -5.91 17.02
N GLY B 99 -11.56 -4.99 16.26
CA GLY B 99 -10.74 -4.28 15.28
C GLY B 99 -10.84 -4.87 13.89
N ARG B 100 -10.77 -6.20 13.82
CA ARG B 100 -10.79 -6.81 12.52
C ARG B 100 -12.25 -7.11 12.12
N PRO B 101 -12.49 -7.22 10.78
CA PRO B 101 -13.83 -7.49 10.29
C PRO B 101 -13.86 -9.00 9.97
N LYS B 102 -15.10 -9.48 9.94
CA LYS B 102 -15.42 -10.76 9.36
C LYS B 102 -16.66 -10.57 8.47
N VAL B 103 -16.99 -11.65 7.73
CA VAL B 103 -18.15 -11.77 6.88
C VAL B 103 -19.21 -12.55 7.69
N GLN B 104 -20.41 -11.98 7.79
CA GLN B 104 -21.47 -12.65 8.56
C GLN B 104 -22.49 -13.34 7.67
N VAL B 105 -22.76 -14.62 7.97
CA VAL B 105 -23.68 -15.44 7.18
C VAL B 105 -24.57 -16.35 8.03
N GLU B 106 -25.59 -16.92 7.37
CA GLU B 106 -26.52 -17.88 8.03
C GLU B 106 -26.29 -19.28 7.46
N TYR B 107 -25.62 -20.13 8.24
CA TYR B 107 -25.19 -21.43 7.75
C TYR B 107 -25.80 -22.56 8.55
N LYS B 108 -26.64 -23.35 7.87
CA LYS B 108 -27.40 -24.45 8.43
C LYS B 108 -28.34 -23.97 9.57
N GLY B 109 -29.12 -22.93 9.24
CA GLY B 109 -30.09 -22.32 10.15
C GLY B 109 -29.47 -21.62 11.35
N GLU B 110 -28.15 -21.57 11.36
CA GLU B 110 -27.39 -20.97 12.45
C GLU B 110 -26.85 -19.58 12.07
N THR B 111 -26.36 -18.84 13.07
CA THR B 111 -25.83 -17.51 12.81
C THR B 111 -24.31 -17.51 13.05
N LYS B 112 -23.55 -17.60 11.95
CA LYS B 112 -22.09 -17.71 12.01
C LYS B 112 -21.39 -16.53 11.34
N SER B 113 -20.06 -16.49 11.41
CA SER B 113 -19.22 -15.41 10.89
C SER B 113 -17.95 -16.03 10.32
N PHE B 114 -17.15 -15.22 9.62
CA PHE B 114 -15.93 -15.70 8.99
C PHE B 114 -14.91 -14.61 8.63
N TYR B 115 -13.70 -14.84 9.10
CA TYR B 115 -12.55 -13.97 8.83
C TYR B 115 -12.23 -14.05 7.34
N PRO B 116 -11.76 -12.94 6.73
CA PRO B 116 -11.43 -12.93 5.30
C PRO B 116 -10.51 -14.07 4.89
N GLU B 117 -9.38 -14.20 5.59
CA GLU B 117 -8.40 -15.27 5.33
C GLU B 117 -9.04 -16.67 5.25
N GLU B 118 -10.28 -16.80 5.76
CA GLU B 118 -11.05 -18.04 5.73
C GLU B 118 -11.91 -18.15 4.49
N VAL B 119 -12.72 -17.11 4.26
CA VAL B 119 -13.50 -17.14 3.05
C VAL B 119 -12.57 -17.49 1.88
N SER B 120 -11.48 -16.73 1.71
CA SER B 120 -10.58 -16.98 0.61
C SER B 120 -9.77 -18.28 0.81
N SER B 121 -9.59 -18.77 2.04
CA SER B 121 -9.04 -20.13 2.23
C SER B 121 -10.07 -21.16 1.68
N MET B 122 -11.36 -20.96 1.97
CA MET B 122 -12.45 -21.82 1.51
C MET B 122 -12.40 -22.10 0.02
N VAL B 123 -12.12 -21.05 -0.77
CA VAL B 123 -11.90 -21.22 -2.20
C VAL B 123 -10.67 -22.13 -2.40
N LEU B 124 -9.57 -21.76 -1.77
CA LEU B 124 -8.30 -22.43 -1.97
C LEU B 124 -8.34 -23.93 -1.84
N THR B 125 -9.23 -24.43 -0.99
CA THR B 125 -9.29 -25.86 -0.80
C THR B 125 -10.12 -26.42 -2.00
N LYS B 126 -11.09 -25.69 -2.68
CA LYS B 126 -11.54 -26.46 -3.83
C LYS B 126 -10.54 -26.40 -4.92
N MET B 127 -9.67 -25.37 -4.97
CA MET B 127 -8.60 -25.38 -5.92
C MET B 127 -7.69 -26.55 -5.56
N LYS B 128 -7.38 -26.67 -4.28
CA LYS B 128 -6.62 -27.83 -3.82
C LYS B 128 -7.34 -29.11 -4.30
N GLU B 129 -8.60 -29.26 -3.90
CA GLU B 129 -9.37 -30.42 -4.32
C GLU B 129 -9.28 -30.63 -5.83
N ILE B 130 -9.68 -29.61 -6.61
CA ILE B 130 -9.77 -29.64 -8.06
C ILE B 130 -8.42 -29.96 -8.72
N ALA B 131 -7.35 -29.87 -7.96
CA ALA B 131 -6.06 -30.32 -8.45
C ALA B 131 -5.87 -31.82 -8.12
N GLU B 132 -6.35 -32.19 -6.93
CA GLU B 132 -6.19 -33.55 -6.43
C GLU B 132 -7.05 -34.57 -7.18
N ALA B 133 -8.13 -34.06 -7.77
CA ALA B 133 -9.08 -34.93 -8.44
C ALA B 133 -8.54 -35.36 -9.78
N TYR B 134 -7.76 -34.47 -10.41
CA TYR B 134 -7.15 -34.71 -11.71
C TYR B 134 -5.82 -35.43 -11.61
N LEU B 135 -4.89 -34.83 -10.86
CA LEU B 135 -3.52 -35.34 -10.75
C LEU B 135 -3.39 -36.80 -10.34
N GLY B 136 -4.36 -37.24 -9.54
CA GLY B 136 -4.37 -38.56 -8.96
C GLY B 136 -3.84 -38.51 -7.54
N LYS B 137 -2.82 -37.69 -7.32
CA LYS B 137 -2.18 -37.64 -6.03
C LYS B 137 -2.60 -36.43 -5.23
N THR B 138 -2.08 -36.33 -4.01
CA THR B 138 -2.35 -35.20 -3.12
C THR B 138 -1.30 -34.14 -3.32
N VAL B 139 -1.73 -32.93 -3.68
CA VAL B 139 -0.79 -31.83 -3.77
C VAL B 139 -0.84 -31.06 -2.47
N THR B 140 0.33 -30.89 -1.88
CA THR B 140 0.39 -30.11 -0.66
C THR B 140 1.27 -28.90 -0.86
N ASN B 141 2.11 -28.96 -1.89
CA ASN B 141 3.09 -27.87 -2.09
C ASN B 141 2.55 -26.98 -3.18
N ALA B 142 2.70 -25.67 -2.97
CA ALA B 142 1.99 -24.73 -3.85
C ALA B 142 2.46 -23.27 -3.74
N VAL B 143 2.11 -22.49 -4.74
CA VAL B 143 2.57 -21.08 -4.77
C VAL B 143 1.38 -20.15 -4.84
N VAL B 144 1.33 -19.08 -4.07
CA VAL B 144 0.03 -18.49 -4.34
C VAL B 144 0.16 -17.05 -4.80
N THR B 145 -0.72 -16.34 -5.49
CA THR B 145 -0.20 -15.12 -6.07
C THR B 145 -0.93 -13.93 -5.52
N VAL B 146 -0.28 -12.76 -5.53
CA VAL B 146 -0.85 -11.52 -5.13
C VAL B 146 -0.23 -10.30 -5.82
N PRO B 147 -1.22 -9.32 -5.96
CA PRO B 147 -0.72 -8.09 -6.65
C PRO B 147 0.28 -7.20 -5.94
N ALA B 148 0.63 -6.05 -6.55
CA ALA B 148 1.51 -4.97 -6.05
C ALA B 148 0.93 -4.11 -4.91
N TYR B 149 -0.35 -3.71 -5.00
CA TYR B 149 -0.97 -2.88 -3.95
C TYR B 149 -1.12 -3.66 -2.66
N PHE B 150 -0.51 -4.84 -2.69
CA PHE B 150 -0.41 -5.69 -1.55
C PHE B 150 0.77 -5.23 -0.74
N ASN B 151 0.61 -5.34 0.57
CA ASN B 151 1.64 -4.96 1.52
C ASN B 151 1.99 -6.22 2.28
N ASP B 152 2.82 -6.09 3.32
CA ASP B 152 3.15 -7.24 4.15
C ASP B 152 1.89 -7.72 4.85
N SER B 153 1.00 -6.77 5.15
CA SER B 153 -0.26 -7.04 5.85
C SER B 153 -1.24 -7.95 5.10
N GLN B 154 -1.44 -7.67 3.81
CA GLN B 154 -2.29 -8.49 2.93
C GLN B 154 -1.64 -9.83 2.57
N ARG B 155 -0.35 -9.81 2.20
CA ARG B 155 0.38 -11.03 1.87
C ARG B 155 0.38 -12.04 3.02
N GLN B 156 0.90 -11.65 4.19
CA GLN B 156 0.94 -12.55 5.34
C GLN B 156 -0.45 -13.18 5.54
N ALA B 157 -1.50 -12.39 5.30
CA ALA B 157 -2.88 -12.91 5.40
C ALA B 157 -3.14 -13.97 4.32
N ALA B 158 -2.92 -13.62 3.05
CA ALA B 158 -3.06 -14.61 1.96
C ALA B 158 -2.28 -15.89 2.30
N LYS B 159 -1.04 -15.75 2.79
CA LYS B 159 -0.29 -16.94 3.18
C LYS B 159 -1.12 -17.79 4.15
N ASP B 160 -1.72 -17.17 5.17
CA ASP B 160 -2.58 -17.88 6.11
C ASP B 160 -3.71 -18.60 5.41
N ALA B 161 -4.24 -17.96 4.37
CA ALA B 161 -5.34 -18.51 3.59
C ALA B 161 -5.00 -19.87 3.01
N GLY B 162 -3.77 -20.02 2.54
CA GLY B 162 -3.29 -21.29 2.02
C GLY B 162 -3.04 -22.26 3.18
N THR B 163 -2.46 -21.74 4.26
CA THR B 163 -2.18 -22.52 5.46
C THR B 163 -3.43 -23.21 5.94
N ILE B 164 -4.46 -22.42 6.26
CA ILE B 164 -5.72 -22.99 6.75
C ILE B 164 -6.31 -23.84 5.65
N ALA B 165 -6.19 -23.40 4.40
CA ALA B 165 -6.67 -24.17 3.25
C ALA B 165 -6.14 -25.60 3.34
N GLY B 166 -4.98 -25.72 3.99
CA GLY B 166 -4.31 -27.00 4.16
C GLY B 166 -2.96 -26.96 3.49
N LEU B 167 -2.82 -26.04 2.53
CA LEU B 167 -1.65 -25.90 1.69
C LEU B 167 -0.43 -25.30 2.37
N ASN B 168 0.75 -25.69 1.87
CA ASN B 168 2.06 -25.17 2.35
C ASN B 168 2.59 -24.30 1.20
N VAL B 169 2.60 -23.00 1.54
CA VAL B 169 2.83 -22.02 0.49
C VAL B 169 4.31 -21.71 0.23
N LEU B 170 4.83 -22.49 -0.71
CA LEU B 170 6.19 -22.39 -1.27
C LEU B 170 6.72 -20.98 -1.21
N ARG B 171 5.86 -19.99 -1.47
CA ARG B 171 6.15 -18.56 -1.36
C ARG B 171 4.85 -17.85 -1.85
N ILE B 172 4.93 -16.51 -1.78
CA ILE B 172 3.93 -15.65 -2.47
C ILE B 172 4.63 -14.89 -3.60
N ILE B 173 3.98 -14.70 -4.73
CA ILE B 173 4.75 -13.96 -5.75
C ILE B 173 3.84 -12.96 -6.42
N ASN B 174 4.42 -11.94 -7.06
CA ASN B 174 3.58 -10.89 -7.65
C ASN B 174 3.06 -11.37 -8.99
N GLU B 175 1.76 -11.17 -9.15
CA GLU B 175 1.00 -11.70 -10.29
C GLU B 175 1.66 -11.31 -11.60
N PRO B 176 1.97 -9.94 -11.66
CA PRO B 176 2.63 -9.64 -12.93
C PRO B 176 3.94 -10.35 -13.21
N THR B 177 4.62 -10.78 -12.14
CA THR B 177 5.87 -11.52 -12.24
C THR B 177 5.62 -12.93 -12.78
N ALA B 178 4.71 -13.65 -12.13
CA ALA B 178 4.30 -14.96 -12.61
C ALA B 178 3.98 -14.85 -14.08
N ALA B 179 3.44 -13.70 -14.48
CA ALA B 179 3.03 -13.46 -15.86
C ALA B 179 4.23 -13.44 -16.77
N ALA B 180 5.19 -12.57 -16.42
CA ALA B 180 6.41 -12.42 -17.19
C ALA B 180 7.24 -13.70 -17.12
N ILE B 181 7.20 -14.38 -15.97
CA ILE B 181 7.80 -15.70 -15.90
C ILE B 181 7.07 -16.68 -16.82
N ALA B 182 5.73 -16.61 -16.83
CA ALA B 182 4.92 -17.52 -17.64
C ALA B 182 5.31 -17.38 -19.09
N TYR B 183 5.29 -16.17 -19.59
CA TYR B 183 5.71 -15.87 -20.95
C TYR B 183 7.21 -16.11 -21.14
N GLY B 184 7.88 -16.45 -20.03
CA GLY B 184 9.30 -16.79 -20.07
C GLY B 184 10.22 -15.65 -20.38
N LEU B 185 9.77 -14.44 -20.04
CA LEU B 185 10.61 -13.25 -20.24
C LEU B 185 11.93 -13.43 -19.48
N ASP B 186 11.80 -13.73 -18.18
CA ASP B 186 12.94 -13.95 -17.27
C ASP B 186 14.11 -14.72 -17.91
N LYS B 187 13.79 -15.82 -18.61
CA LYS B 187 14.79 -16.59 -19.34
C LYS B 187 15.63 -15.64 -20.20
N LYS B 188 16.90 -15.52 -19.76
CA LYS B 188 17.79 -14.55 -20.31
C LYS B 188 17.68 -14.45 -21.84
N VAL B 189 17.70 -13.21 -22.33
CA VAL B 189 17.72 -12.98 -23.76
C VAL B 189 18.61 -11.74 -24.11
N ARG B 190 18.71 -10.79 -23.17
CA ARG B 190 19.40 -9.56 -23.45
C ARG B 190 20.08 -8.92 -22.23
N ALA B 191 20.07 -7.60 -22.16
CA ALA B 191 20.81 -6.87 -21.12
C ALA B 191 19.92 -6.53 -19.93
N GLU B 192 19.05 -5.54 -20.11
CA GLU B 192 18.00 -5.27 -19.14
C GLU B 192 16.67 -5.09 -19.90
N ARG B 193 15.63 -5.78 -19.42
CA ARG B 193 14.33 -5.72 -20.06
C ARG B 193 13.36 -4.87 -19.27
N ASN B 194 12.48 -4.18 -20.00
CA ASN B 194 11.40 -3.44 -19.38
C ASN B 194 10.13 -4.09 -19.90
N VAL B 195 9.45 -4.82 -19.03
CA VAL B 195 8.21 -5.46 -19.44
C VAL B 195 7.01 -4.63 -18.93
N LEU B 196 5.89 -4.70 -19.66
CA LEU B 196 4.64 -4.05 -19.24
C LEU B 196 3.48 -5.04 -19.16
N ILE B 197 2.95 -5.18 -17.95
CA ILE B 197 1.85 -6.07 -17.73
C ILE B 197 0.60 -5.25 -17.70
N PHE B 198 -0.29 -5.92 -18.37
CA PHE B 198 -1.61 -5.44 -18.45
C PHE B 198 -2.63 -6.55 -18.03
N ASP B 199 -3.05 -6.37 -16.73
CA ASP B 199 -4.23 -7.05 -16.34
C ASP B 199 -5.55 -6.26 -16.32
N LEU B 200 -6.34 -6.75 -17.30
CA LEU B 200 -7.75 -6.37 -17.19
C LEU B 200 -8.47 -7.64 -16.62
N GLY B 201 -9.18 -7.47 -15.52
CA GLY B 201 -9.93 -8.63 -15.05
C GLY B 201 -11.45 -8.55 -15.10
N GLY B 202 -12.06 -9.18 -14.09
CA GLY B 202 -13.50 -9.13 -13.92
C GLY B 202 -13.88 -7.93 -13.07
N GLY B 203 -13.03 -7.61 -12.09
CA GLY B 203 -13.29 -6.51 -11.17
C GLY B 203 -12.26 -5.39 -11.15
N THR B 204 -10.98 -5.73 -11.39
CA THR B 204 -9.91 -4.75 -11.29
C THR B 204 -9.07 -4.63 -12.55
N PHE B 205 -8.29 -3.56 -12.60
CA PHE B 205 -7.40 -3.28 -13.72
C PHE B 205 -6.04 -2.85 -13.18
N ASP B 206 -5.08 -3.79 -13.27
CA ASP B 206 -3.76 -3.56 -12.71
C ASP B 206 -2.70 -3.45 -13.80
N VAL B 207 -2.07 -2.28 -13.87
CA VAL B 207 -0.98 -2.04 -14.82
C VAL B 207 0.29 -1.97 -13.98
N SER B 208 1.35 -2.63 -14.46
CA SER B 208 2.60 -2.56 -13.74
C SER B 208 3.76 -2.61 -14.71
N ILE B 209 4.83 -1.89 -14.41
CA ILE B 209 5.99 -2.05 -15.25
C ILE B 209 7.18 -2.60 -14.45
N LEU B 210 7.79 -3.63 -15.04
CA LEU B 210 8.91 -4.33 -14.42
C LEU B 210 10.19 -4.23 -15.24
N THR B 211 11.28 -3.97 -14.57
CA THR B 211 12.60 -4.03 -15.20
C THR B 211 13.28 -5.33 -14.73
N THR B 212 13.41 -6.29 -15.64
CA THR B 212 14.08 -7.52 -15.25
C THR B 212 15.49 -7.56 -15.88
N GLU B 213 16.49 -7.42 -14.99
CA GLU B 213 17.87 -7.42 -15.46
C GLU B 213 18.76 -8.44 -14.68
N ASP B 214 19.16 -9.48 -15.44
CA ASP B 214 20.10 -10.55 -15.11
C ASP B 214 19.48 -11.71 -14.29
N GLY B 215 18.27 -11.30 -13.95
CA GLY B 215 17.22 -12.19 -13.46
C GLY B 215 16.38 -11.58 -12.38
N ILE B 216 16.87 -10.52 -11.76
CA ILE B 216 16.10 -9.93 -10.69
C ILE B 216 14.89 -9.14 -11.23
N PHE B 217 13.75 -9.33 -10.55
CA PHE B 217 12.41 -8.80 -10.94
C PHE B 217 12.05 -7.49 -10.24
N GLU B 218 12.46 -6.35 -10.80
CA GLU B 218 12.21 -5.09 -10.10
C GLU B 218 10.89 -4.42 -10.52
N VAL B 219 10.06 -4.25 -9.53
CA VAL B 219 8.75 -3.63 -9.67
C VAL B 219 8.99 -2.14 -9.60
N LYS B 220 9.11 -1.52 -10.75
CA LYS B 220 9.32 -0.08 -10.92
C LYS B 220 7.92 0.49 -10.54
N SER B 221 7.00 0.78 -11.44
CA SER B 221 5.78 1.41 -10.92
C SER B 221 4.50 0.80 -11.42
N THR B 222 3.51 1.00 -10.57
CA THR B 222 2.25 0.35 -10.80
C THR B 222 1.09 1.27 -10.61
N ALA B 223 0.27 1.32 -11.62
CA ALA B 223 -0.94 2.12 -11.52
C ALA B 223 -2.12 1.35 -12.15
N GLY B 224 -3.35 1.68 -11.73
CA GLY B 224 -4.55 1.03 -12.28
C GLY B 224 -5.82 1.57 -11.62
N ASP B 225 -6.98 1.01 -11.96
CA ASP B 225 -8.25 1.33 -11.27
C ASP B 225 -8.70 0.05 -10.57
N THR B 226 -9.14 0.19 -9.31
CA THR B 226 -9.59 -0.95 -8.51
C THR B 226 -11.11 -1.05 -8.38
N HIS B 227 -11.80 -0.60 -9.43
CA HIS B 227 -13.25 -0.77 -9.49
C HIS B 227 -13.64 -0.97 -10.94
N LEU B 228 -12.65 -0.79 -11.83
CA LEU B 228 -12.84 -1.00 -13.27
C LEU B 228 -12.35 -2.37 -13.70
N GLY B 229 -13.23 -3.08 -14.39
CA GLY B 229 -12.93 -4.42 -14.85
C GLY B 229 -14.01 -4.92 -15.78
N GLY B 230 -14.23 -6.24 -15.73
CA GLY B 230 -15.17 -6.94 -16.59
C GLY B 230 -16.59 -6.80 -16.13
N GLU B 231 -16.81 -6.98 -14.84
CA GLU B 231 -18.16 -6.90 -14.34
C GLU B 231 -18.79 -5.54 -14.66
N ASP B 232 -17.94 -4.55 -14.96
CA ASP B 232 -18.41 -3.20 -15.29
C ASP B 232 -19.00 -3.08 -16.69
N PHE B 233 -18.60 -3.97 -17.60
CA PHE B 233 -19.13 -3.91 -18.96
C PHE B 233 -20.41 -4.67 -18.90
N ASP B 234 -20.28 -5.88 -18.38
CA ASP B 234 -21.40 -6.77 -18.11
C ASP B 234 -22.54 -5.97 -17.44
N ASN B 235 -22.16 -4.95 -16.64
CA ASN B 235 -23.11 -4.06 -15.99
C ASN B 235 -23.86 -3.16 -16.97
N ARG B 236 -23.13 -2.35 -17.72
CA ARG B 236 -23.77 -1.46 -18.68
C ARG B 236 -24.51 -2.24 -19.77
N MET B 237 -24.09 -3.48 -19.99
CA MET B 237 -24.78 -4.37 -20.92
C MET B 237 -26.21 -4.58 -20.46
N VAL B 238 -26.39 -4.85 -19.17
CA VAL B 238 -27.72 -4.98 -18.58
C VAL B 238 -28.56 -3.70 -18.68
N ASN B 239 -28.03 -2.59 -18.18
CA ASN B 239 -28.70 -1.29 -18.27
C ASN B 239 -29.17 -1.09 -19.70
N HIS B 240 -28.57 -1.85 -20.59
CA HIS B 240 -28.88 -1.73 -21.98
C HIS B 240 -30.17 -2.47 -22.34
N PHE B 241 -30.27 -3.71 -21.88
CA PHE B 241 -31.44 -4.55 -22.14
C PHE B 241 -32.57 -4.30 -21.17
N ILE B 242 -32.23 -4.08 -19.90
CA ILE B 242 -33.28 -3.80 -18.92
C ILE B 242 -34.21 -2.73 -19.51
N ALA B 243 -33.60 -1.85 -20.30
CA ALA B 243 -34.29 -0.78 -21.02
C ALA B 243 -34.93 -1.22 -22.35
N GLU B 244 -34.18 -1.91 -23.22
CA GLU B 244 -34.74 -2.39 -24.51
C GLU B 244 -35.99 -3.23 -24.23
N PHE B 245 -35.96 -4.02 -23.17
CA PHE B 245 -37.13 -4.76 -22.71
C PHE B 245 -38.22 -3.75 -22.28
N LYS B 246 -37.88 -2.87 -21.35
CA LYS B 246 -38.79 -1.83 -20.89
C LYS B 246 -39.52 -1.19 -22.08
N ARG B 247 -38.82 -0.98 -23.19
CA ARG B 247 -39.46 -0.38 -24.33
C ARG B 247 -40.28 -1.42 -25.14
N LYS B 248 -39.75 -2.64 -25.35
CA LYS B 248 -40.45 -3.63 -26.17
C LYS B 248 -41.72 -4.09 -25.54
N HIS B 249 -41.63 -4.38 -24.26
CA HIS B 249 -42.79 -4.94 -23.60
C HIS B 249 -43.58 -3.91 -22.86
N LYS B 250 -42.77 -2.95 -22.37
CA LYS B 250 -43.08 -1.70 -21.71
C LYS B 250 -43.25 -1.84 -20.21
N LYS B 251 -43.14 -3.09 -19.79
CA LYS B 251 -42.96 -3.39 -18.37
C LYS B 251 -41.46 -3.20 -18.04
N ASP B 252 -41.10 -2.86 -16.83
CA ASP B 252 -39.69 -2.70 -16.45
C ASP B 252 -39.32 -3.82 -15.45
N ILE B 253 -38.10 -4.34 -15.54
CA ILE B 253 -37.72 -5.47 -14.70
C ILE B 253 -36.65 -5.19 -13.65
N SER B 254 -36.34 -3.91 -13.47
CA SER B 254 -35.27 -3.52 -12.56
C SER B 254 -35.42 -4.18 -11.19
N GLU B 255 -36.53 -3.90 -10.52
CA GLU B 255 -36.92 -4.46 -9.22
C GLU B 255 -36.67 -5.95 -9.03
N ASN B 256 -37.32 -6.78 -9.84
CA ASN B 256 -37.18 -8.23 -9.69
C ASN B 256 -35.71 -8.63 -9.67
N LYS B 257 -35.30 -9.16 -8.50
CA LYS B 257 -33.90 -9.51 -8.16
C LYS B 257 -33.36 -10.65 -8.97
N ARG B 258 -34.13 -11.73 -9.02
CA ARG B 258 -33.82 -12.92 -9.83
C ARG B 258 -33.82 -12.68 -11.33
N ALA B 259 -34.91 -12.07 -11.86
CA ALA B 259 -35.10 -11.67 -13.26
C ALA B 259 -33.85 -10.90 -13.73
N VAL B 260 -33.38 -9.92 -12.95
CA VAL B 260 -32.18 -9.17 -13.33
C VAL B 260 -30.93 -10.08 -13.44
N ARG B 261 -30.52 -10.76 -12.37
CA ARG B 261 -29.39 -11.70 -12.41
C ARG B 261 -29.45 -12.62 -13.65
N ARG B 262 -30.61 -13.20 -13.97
CA ARG B 262 -30.69 -14.15 -15.10
C ARG B 262 -30.19 -13.52 -16.41
N LEU B 263 -30.59 -12.26 -16.66
CA LEU B 263 -30.10 -11.52 -17.84
C LEU B 263 -28.59 -11.26 -17.71
N ARG B 264 -28.15 -10.97 -16.48
CA ARG B 264 -26.75 -10.70 -16.22
C ARG B 264 -25.95 -11.84 -16.78
N THR B 265 -26.28 -13.04 -16.31
CA THR B 265 -25.62 -14.24 -16.80
C THR B 265 -25.60 -14.16 -18.33
N ALA B 266 -26.78 -14.00 -18.92
CA ALA B 266 -26.95 -13.95 -20.37
C ALA B 266 -26.08 -12.87 -21.03
N CYS B 267 -25.96 -11.72 -20.36
CA CYS B 267 -25.14 -10.62 -20.85
C CYS B 267 -23.66 -11.01 -20.88
N GLU B 268 -23.24 -11.85 -19.94
CA GLU B 268 -21.83 -12.25 -19.85
C GLU B 268 -21.44 -13.32 -20.84
N ARG B 269 -22.16 -14.44 -20.83
CA ARG B 269 -21.83 -15.52 -21.76
C ARG B 269 -21.74 -14.93 -23.16
N ALA B 270 -22.59 -13.94 -23.41
CA ALA B 270 -22.60 -13.28 -24.69
C ALA B 270 -21.29 -12.51 -24.89
N LYS B 271 -21.00 -11.62 -23.93
CA LYS B 271 -19.80 -10.78 -23.96
C LYS B 271 -18.56 -11.59 -24.31
N ARG B 272 -18.36 -12.71 -23.60
CA ARG B 272 -17.17 -13.55 -23.77
C ARG B 272 -17.01 -14.08 -25.17
N THR B 273 -18.00 -14.79 -25.66
CA THR B 273 -17.97 -15.29 -27.02
C THR B 273 -18.19 -14.15 -27.99
N LEU B 274 -18.42 -12.96 -27.48
CA LEU B 274 -18.47 -11.76 -28.33
C LEU B 274 -17.07 -11.38 -28.91
N SER B 275 -16.04 -12.03 -28.38
CA SER B 275 -14.68 -11.81 -28.80
C SER B 275 -14.27 -12.83 -29.88
N SER B 276 -15.22 -13.65 -30.30
CA SER B 276 -14.98 -14.63 -31.36
C SER B 276 -15.81 -14.27 -32.57
N SER B 277 -17.11 -14.06 -32.33
CA SER B 277 -18.00 -13.66 -33.40
C SER B 277 -18.31 -12.17 -33.33
N THR B 278 -18.95 -11.64 -34.38
CA THR B 278 -19.33 -10.22 -34.42
C THR B 278 -20.83 -10.06 -34.13
N GLN B 279 -21.36 -10.98 -33.31
CA GLN B 279 -22.78 -11.08 -33.02
C GLN B 279 -23.09 -12.15 -32.00
N ALA B 280 -23.76 -11.76 -30.94
CA ALA B 280 -24.21 -12.72 -29.93
C ALA B 280 -25.72 -12.59 -29.76
N SER B 281 -26.33 -13.57 -29.10
CA SER B 281 -27.79 -13.65 -28.95
C SER B 281 -28.24 -14.03 -27.56
N ILE B 282 -29.12 -13.21 -26.98
CA ILE B 282 -29.61 -13.49 -25.62
C ILE B 282 -30.92 -14.31 -25.67
N GLU B 283 -30.87 -15.51 -25.03
CA GLU B 283 -32.06 -16.34 -25.05
C GLU B 283 -32.48 -16.75 -23.61
N ILE B 284 -33.25 -15.81 -23.03
CA ILE B 284 -33.78 -16.04 -21.70
C ILE B 284 -35.29 -16.37 -21.82
N ASP B 285 -35.59 -17.65 -21.56
CA ASP B 285 -36.97 -18.12 -21.59
C ASP B 285 -37.78 -17.64 -20.40
N SER B 286 -38.88 -16.99 -20.72
CA SER B 286 -39.89 -16.58 -19.74
C SER B 286 -39.23 -15.87 -18.55
N LEU B 287 -38.71 -14.74 -18.97
CA LEU B 287 -37.94 -13.82 -18.17
C LEU B 287 -38.63 -13.13 -17.02
N TYR B 288 -39.52 -12.23 -17.38
CA TYR B 288 -40.22 -11.48 -16.35
C TYR B 288 -41.70 -11.52 -16.58
N GLU B 289 -42.38 -12.26 -15.71
CA GLU B 289 -43.83 -12.44 -15.78
C GLU B 289 -44.23 -13.22 -17.04
N GLY B 290 -43.39 -14.20 -17.37
CA GLY B 290 -43.66 -15.10 -18.46
C GLY B 290 -43.32 -14.58 -19.83
N ILE B 291 -42.79 -13.36 -19.88
CA ILE B 291 -42.38 -12.79 -21.14
C ILE B 291 -41.05 -13.43 -21.55
N ASP B 292 -41.07 -14.16 -22.65
CA ASP B 292 -39.86 -14.71 -23.25
C ASP B 292 -38.96 -13.53 -23.64
N PHE B 293 -37.66 -13.68 -23.46
CA PHE B 293 -36.73 -12.68 -23.97
C PHE B 293 -35.88 -13.36 -25.05
N TYR B 294 -35.90 -12.81 -26.26
CA TYR B 294 -35.08 -13.30 -27.37
C TYR B 294 -34.64 -12.14 -28.23
N THR B 295 -33.34 -11.86 -28.23
CA THR B 295 -32.76 -10.72 -28.95
C THR B 295 -31.26 -10.98 -29.23
N SER B 296 -30.52 -9.95 -29.65
CA SER B 296 -29.08 -10.08 -29.90
C SER B 296 -28.31 -8.76 -29.84
N ILE B 297 -26.98 -8.83 -29.86
CA ILE B 297 -26.18 -7.61 -29.86
C ILE B 297 -24.95 -7.75 -30.76
N THR B 298 -24.43 -6.62 -31.26
CA THR B 298 -23.32 -6.65 -32.21
C THR B 298 -21.99 -6.37 -31.48
N ARG B 299 -20.89 -6.86 -32.07
CA ARG B 299 -19.52 -6.64 -31.54
C ARG B 299 -19.27 -5.16 -31.54
N ALA B 300 -19.71 -4.53 -32.62
CA ALA B 300 -19.63 -3.10 -32.74
C ALA B 300 -20.46 -2.41 -31.64
N ARG B 301 -21.78 -2.62 -31.64
CA ARG B 301 -22.67 -1.98 -30.68
C ARG B 301 -22.04 -2.06 -29.33
N PHE B 302 -21.66 -3.27 -28.94
CA PHE B 302 -21.09 -3.50 -27.63
C PHE B 302 -20.00 -2.51 -27.25
N GLU B 303 -18.99 -2.41 -28.10
CA GLU B 303 -17.88 -1.49 -27.92
C GLU B 303 -18.40 -0.08 -27.65
N GLU B 304 -19.43 0.31 -28.40
CA GLU B 304 -20.05 1.64 -28.28
C GLU B 304 -20.67 1.79 -26.92
N LEU B 305 -21.01 0.67 -26.31
CA LEU B 305 -21.59 0.74 -25.00
C LEU B 305 -20.47 0.96 -23.98
N ASN B 306 -19.32 0.38 -24.21
CA ASN B 306 -18.20 0.47 -23.29
C ASN B 306 -17.08 1.40 -23.69
N ALA B 307 -17.16 1.82 -24.97
CA ALA B 307 -16.08 2.56 -25.63
C ALA B 307 -15.44 3.67 -24.81
N ASP B 308 -16.24 4.39 -24.02
CA ASP B 308 -15.64 5.37 -23.14
C ASP B 308 -14.68 4.67 -22.17
N LEU B 309 -15.17 3.61 -21.54
CA LEU B 309 -14.44 2.92 -20.50
C LEU B 309 -13.30 2.09 -21.04
N PHE B 310 -13.39 1.73 -22.32
CA PHE B 310 -12.29 1.03 -23.01
C PHE B 310 -11.08 1.93 -23.26
N ARG B 311 -11.34 3.11 -23.82
CA ARG B 311 -10.27 4.07 -24.05
C ARG B 311 -9.65 4.54 -22.72
N GLY B 312 -10.46 4.61 -21.69
CA GLY B 312 -10.09 4.92 -20.31
C GLY B 312 -8.99 4.07 -19.66
N THR B 313 -8.46 3.11 -20.41
CA THR B 313 -7.38 2.25 -19.92
C THR B 313 -6.02 2.68 -20.39
N LEU B 314 -5.95 3.03 -21.66
CA LEU B 314 -4.71 3.53 -22.21
C LEU B 314 -4.10 4.54 -21.24
N ASP B 315 -4.96 5.26 -20.51
CA ASP B 315 -4.54 6.36 -19.60
C ASP B 315 -3.59 5.89 -18.50
N PRO B 316 -4.04 4.98 -17.64
CA PRO B 316 -3.13 4.48 -16.61
C PRO B 316 -1.83 3.94 -17.24
N VAL B 317 -1.86 3.45 -18.48
CA VAL B 317 -0.63 2.97 -19.13
C VAL B 317 0.43 4.05 -18.96
N GLU B 318 0.05 5.30 -19.20
CA GLU B 318 1.02 6.37 -19.05
C GLU B 318 1.24 6.71 -17.58
N LYS B 319 0.16 6.90 -16.83
CA LYS B 319 0.23 7.34 -15.42
C LYS B 319 1.22 6.52 -14.63
N ALA B 320 1.44 5.30 -15.11
CA ALA B 320 2.43 4.39 -14.56
C ALA B 320 3.75 4.62 -15.28
N LEU B 321 3.69 4.66 -16.63
CA LEU B 321 4.86 4.97 -17.47
C LEU B 321 5.52 6.28 -16.98
N ARG B 322 4.72 7.13 -16.34
CA ARG B 322 5.23 8.37 -15.82
C ARG B 322 6.07 8.11 -14.59
N ASP B 323 5.48 7.52 -13.56
CA ASP B 323 6.25 7.17 -12.37
C ASP B 323 7.48 6.35 -12.78
N ALA B 324 7.27 5.37 -13.64
CA ALA B 324 8.34 4.49 -14.11
C ALA B 324 9.42 5.27 -14.84
N LYS B 325 9.06 6.48 -15.24
CA LYS B 325 9.90 7.45 -15.91
C LYS B 325 10.62 6.85 -17.15
N LEU B 326 9.74 6.31 -18.00
CA LEU B 326 10.10 5.77 -19.34
C LEU B 326 9.01 6.08 -20.39
N ASP B 327 9.45 6.36 -21.63
CA ASP B 327 8.56 6.66 -22.75
C ASP B 327 7.93 5.38 -23.29
N LYS B 328 6.92 5.55 -24.13
CA LYS B 328 6.19 4.44 -24.70
C LYS B 328 7.13 3.62 -25.59
N SER B 329 8.25 4.24 -25.97
CA SER B 329 9.20 3.60 -26.84
C SER B 329 10.12 2.61 -26.10
N GLN B 330 10.45 2.91 -24.84
CA GLN B 330 11.40 2.13 -24.03
C GLN B 330 11.00 0.71 -23.61
N ILE B 331 9.69 0.42 -23.59
CA ILE B 331 9.15 -0.91 -23.22
C ILE B 331 9.59 -2.06 -24.16
N HIS B 332 9.84 -3.24 -23.58
CA HIS B 332 10.41 -4.35 -24.34
C HIS B 332 9.52 -5.54 -24.59
N ASP B 333 8.56 -5.75 -23.69
CA ASP B 333 7.54 -6.78 -23.88
C ASP B 333 6.22 -6.27 -23.24
N ILE B 334 5.12 -6.33 -23.99
CA ILE B 334 3.83 -5.93 -23.42
C ILE B 334 2.97 -7.19 -23.15
N VAL B 335 2.57 -7.36 -21.90
CA VAL B 335 1.96 -8.63 -21.52
C VAL B 335 0.48 -8.56 -21.23
N LEU B 336 -0.27 -9.37 -21.99
CA LEU B 336 -1.68 -9.46 -21.81
C LEU B 336 -2.12 -10.53 -20.83
N VAL B 337 -2.28 -10.03 -19.62
CA VAL B 337 -2.91 -10.80 -18.58
C VAL B 337 -4.29 -10.11 -18.30
N GLY B 338 -5.16 -10.91 -17.71
CA GLY B 338 -6.48 -10.50 -17.32
C GLY B 338 -7.52 -11.13 -18.22
N GLY B 339 -8.52 -11.74 -17.61
CA GLY B 339 -9.53 -12.38 -18.42
C GLY B 339 -10.17 -11.47 -19.45
N SER B 340 -10.20 -10.16 -19.18
CA SER B 340 -11.01 -9.28 -20.02
C SER B 340 -10.34 -8.79 -21.26
N THR B 341 -9.02 -9.03 -21.34
CA THR B 341 -8.22 -8.60 -22.51
C THR B 341 -8.49 -9.38 -23.80
N ARG B 342 -9.22 -10.48 -23.73
CA ARG B 342 -9.46 -11.22 -24.96
C ARG B 342 -10.28 -10.38 -25.96
N ILE B 343 -10.65 -9.17 -25.53
CA ILE B 343 -11.41 -8.22 -26.31
C ILE B 343 -10.40 -7.45 -27.23
N PRO B 344 -10.95 -7.69 -28.55
CA PRO B 344 -10.12 -7.03 -29.55
C PRO B 344 -9.87 -5.57 -29.37
N LYS B 345 -11.07 -4.79 -29.16
CA LYS B 345 -10.45 -3.48 -29.31
C LYS B 345 -10.48 -2.71 -28.00
N ILE B 346 -10.28 -3.50 -26.78
CA ILE B 346 -9.31 -3.27 -25.68
C ILE B 346 -7.92 -3.77 -26.11
N GLN B 347 -7.78 -4.64 -27.14
CA GLN B 347 -6.44 -5.05 -27.59
C GLN B 347 -5.82 -4.05 -28.56
N LYS B 348 -6.55 -3.77 -29.65
CA LYS B 348 -6.15 -2.80 -30.67
C LYS B 348 -5.95 -1.40 -30.08
N LEU B 349 -6.57 -1.14 -28.93
CA LEU B 349 -6.41 0.16 -28.33
C LEU B 349 -4.94 0.29 -27.98
N LEU B 350 -4.48 -0.70 -27.22
CA LEU B 350 -3.14 -0.78 -26.70
C LEU B 350 -2.13 -1.13 -27.77
N GLN B 351 -2.58 -1.86 -28.81
CA GLN B 351 -1.65 -2.27 -29.86
C GLN B 351 -1.19 -1.01 -30.56
N ASP B 352 -2.13 -0.27 -31.13
CA ASP B 352 -1.83 0.96 -31.85
C ASP B 352 -1.26 2.01 -30.91
N PHE B 353 -1.49 1.84 -29.60
CA PHE B 353 -0.91 2.74 -28.59
C PHE B 353 0.60 2.59 -28.56
N PHE B 354 1.08 1.40 -28.86
CA PHE B 354 2.51 1.22 -28.82
C PHE B 354 3.03 1.17 -30.27
N ASN B 355 2.61 2.20 -30.97
CA ASN B 355 2.90 2.39 -32.39
C ASN B 355 2.98 1.07 -33.19
N GLY B 356 1.94 0.30 -32.90
CA GLY B 356 1.67 -0.97 -33.55
C GLY B 356 2.51 -2.14 -33.12
N LYS B 357 2.99 -2.10 -31.89
CA LYS B 357 3.86 -3.17 -31.39
C LYS B 357 3.15 -4.52 -31.23
N GLU B 358 3.94 -5.58 -31.07
CA GLU B 358 3.45 -6.96 -30.90
C GLU B 358 2.97 -7.29 -29.48
N LEU B 359 1.65 -7.44 -29.33
CA LEU B 359 1.07 -7.80 -28.03
C LEU B 359 1.36 -9.25 -27.61
N ASN B 360 1.34 -9.49 -26.29
CA ASN B 360 1.65 -10.82 -25.72
C ASN B 360 0.39 -11.50 -25.24
N LYS B 361 -0.12 -12.37 -26.11
CA LYS B 361 -1.44 -12.94 -25.91
C LYS B 361 -1.58 -14.38 -26.34
N SER B 362 -0.47 -15.07 -26.57
CA SER B 362 -0.58 -16.49 -26.93
C SER B 362 -1.26 -17.27 -25.79
N ILE B 363 -0.96 -16.92 -24.55
CA ILE B 363 -1.48 -17.60 -23.38
C ILE B 363 -2.68 -16.85 -22.85
N ASN B 364 -3.80 -17.55 -22.80
CA ASN B 364 -5.11 -17.02 -22.36
C ASN B 364 -4.99 -16.23 -21.10
N PRO B 365 -5.11 -14.91 -21.23
CA PRO B 365 -5.01 -13.94 -20.15
C PRO B 365 -5.89 -14.24 -18.97
N ASP B 366 -6.65 -15.33 -19.06
CA ASP B 366 -7.49 -15.75 -17.97
C ASP B 366 -6.61 -16.37 -16.85
N GLU B 367 -5.70 -17.25 -17.23
CA GLU B 367 -4.92 -18.06 -16.30
C GLU B 367 -3.42 -17.80 -16.40
N ALA B 368 -3.00 -17.01 -17.37
CA ALA B 368 -1.53 -16.91 -17.56
C ALA B 368 -0.66 -16.77 -16.28
N VAL B 369 -1.21 -16.13 -15.27
CA VAL B 369 -0.56 -16.03 -13.94
C VAL B 369 -0.44 -17.42 -13.28
N ALA B 370 -1.48 -18.23 -13.38
CA ALA B 370 -1.46 -19.57 -12.86
C ALA B 370 -0.28 -20.26 -13.50
N TYR B 371 -0.15 -20.06 -14.81
CA TYR B 371 0.93 -20.66 -15.62
C TYR B 371 2.32 -20.44 -14.99
N GLY B 372 2.68 -19.19 -14.77
CA GLY B 372 3.92 -18.84 -14.10
C GLY B 372 3.92 -19.33 -12.67
N ALA B 373 2.82 -19.11 -11.96
CA ALA B 373 2.71 -19.57 -10.59
C ALA B 373 3.31 -20.96 -10.57
N ALA B 374 2.76 -21.85 -11.39
CA ALA B 374 3.28 -23.21 -11.51
C ALA B 374 4.78 -23.22 -11.84
N VAL B 375 5.18 -22.52 -12.89
CA VAL B 375 6.59 -22.52 -13.30
C VAL B 375 7.48 -22.16 -12.12
N GLN B 376 7.12 -21.10 -11.38
CA GLN B 376 7.92 -20.65 -10.25
C GLN B 376 7.85 -21.63 -9.09
N ALA B 377 6.70 -22.29 -8.94
CA ALA B 377 6.49 -23.29 -7.87
C ALA B 377 7.31 -24.54 -8.17
N ALA B 378 7.30 -24.92 -9.43
CA ALA B 378 8.13 -26.01 -9.89
C ALA B 378 9.64 -25.69 -9.69
N ILE B 379 10.07 -24.47 -10.00
CA ILE B 379 11.46 -24.09 -9.78
C ILE B 379 11.82 -24.27 -8.28
N LEU B 380 10.91 -23.94 -7.39
CA LEU B 380 11.06 -24.09 -5.95
C LEU B 380 10.93 -25.55 -5.46
N SER B 381 10.38 -26.40 -6.32
CA SER B 381 10.17 -27.81 -5.98
C SER B 381 11.43 -28.59 -5.69
N GLY B 382 11.42 -29.32 -4.57
CA GLY B 382 12.50 -30.23 -4.22
C GLY B 382 12.04 -31.67 -3.97
N ASP B 383 12.56 -32.63 -4.59
PB ADP C . 8.48 12.60 12.66
O1B ADP C . 7.51 12.84 11.58
O2B ADP C . 8.13 13.20 14.05
O3B ADP C . 9.96 12.55 12.26
PA ADP C . 8.42 9.98 11.85
O1A ADP C . 7.19 9.99 10.99
O2A ADP C . 9.81 10.32 11.26
O3A ADP C . 8.24 10.99 13.07
O5' ADP C . 8.51 8.51 12.52
C5' ADP C . 8.74 7.51 11.53
C4' ADP C . 9.50 6.30 12.15
O4' ADP C . 8.54 5.42 12.73
C3' ADP C . 10.15 5.56 11.00
O3' ADP C . 11.54 5.25 11.31
C2' ADP C . 9.38 4.31 10.77
O2' ADP C . 10.21 3.22 10.47
C1' ADP C . 8.66 4.14 12.14
N9 ADP C . 7.38 3.46 11.90
C8 ADP C . 6.43 3.83 11.02
N7 ADP C . 5.39 2.98 11.02
C5 ADP C . 5.66 2.03 11.93
C6 ADP C . 4.98 0.81 12.43
N6 ADP C . 3.76 0.43 11.95
N1 ADP C . 5.60 0.09 13.40
C2 ADP C . 6.81 0.45 13.89
N3 ADP C . 7.48 1.54 13.46
C4 ADP C . 6.95 2.35 12.51
P PO4 D . 10.38 15.13 14.63
O1 PO4 D . 9.06 15.43 15.31
O2 PO4 D . 11.46 16.19 14.91
O3 PO4 D . 10.85 13.76 14.78
O4 PO4 D . 10.01 15.41 13.13
PB ADP E . -8.38 -12.41 -12.45
O1B ADP E . -8.16 -13.87 -12.44
O2B ADP E . -7.13 -11.53 -12.57
O3B ADP E . -9.51 -11.86 -11.57
PA ADP E . -10.32 -12.86 -14.37
O1A ADP E . -9.88 -14.14 -15.10
O2A ADP E . -11.16 -12.91 -13.12
O3A ADP E . -9.00 -12.06 -13.99
O5' ADP E . -11.12 -12.07 -15.51
C5' ADP E . -12.49 -12.48 -15.65
C4' ADP E . -13.19 -11.59 -16.66
O4' ADP E . -12.60 -11.89 -17.92
C3' ADP E . -14.66 -11.94 -16.76
O3' ADP E . -15.57 -10.93 -16.25
C2' ADP E . -14.91 -12.20 -18.22
O2' ADP E . -16.08 -11.49 -18.65
C1' ADP E . -13.58 -11.78 -18.93
N9 ADP E . -13.45 -12.76 -20.03
C8 ADP E . -13.21 -14.08 -19.92
N7 ADP E . -13.19 -14.69 -21.12
C5 ADP E . -13.42 -13.74 -22.05
C6 ADP E . -13.54 -13.70 -23.50
N6 ADP E . -13.40 -14.86 -24.21
N1 ADP E . -13.78 -12.51 -24.10
C2 ADP E . -13.91 -11.37 -23.40
N3 ADP E . -13.82 -11.35 -22.06
C4 ADP E . -13.56 -12.47 -21.34
P PO4 F . -6.97 -9.99 -9.91
O1 PO4 F . -8.40 -9.90 -10.40
O2 PO4 F . -6.88 -10.86 -8.64
O3 PO4 F . -5.96 -10.32 -10.93
O4 PO4 F . -6.68 -8.55 -9.41
#